data_8VBI
#
_entry.id   8VBI
#
_cell.length_a   1.00
_cell.length_b   1.00
_cell.length_c   1.00
_cell.angle_alpha   90.00
_cell.angle_beta   90.00
_cell.angle_gamma   90.00
#
_symmetry.space_group_name_H-M   'P 1'
#
loop_
_entity.id
_entity.type
_entity.pdbx_description
1 polymer 'HIV-1 reverse transcriptase/ribonuclease H P66 subunit'
2 polymer 'HIV-1 reverse transcriptase P51 subunit'
3 polymer 'DNA (38-MER)'
4 non-polymer "2'-DEOXYADENOSINE 5'-TRIPHOSPHATE"
5 non-polymer 'MAGNESIUM ION'
#
loop_
_entity_poly.entity_id
_entity_poly.type
_entity_poly.pdbx_seq_one_letter_code
_entity_poly.pdbx_strand_id
1 'polypeptide(L)'
;MVPISPIETVPVKLKPGMDGPKVKQWPLTEEKIKALVEICTEMEKEGKISKIGPENPYNTPVFAIKKKDSTKWRKLVDFR
ELNKRTQDFWEVQLGIPHPAGLKKKKSVTVLDVGDAYFSVPLDEDFRKYTAFTIPSINNETPGIRYQYNVLPQGWKGSPA
IFQSSMTKILEPFKKQNPDIVIYQYMDDLYVGSDLEIGQHRTKIEELRQHLLRWGLTTPDKKHQKEPPFLWMGYELHPDK
WTVQPIVLPEKDSWTVNDIQKLVGKLNWASQIYPGIKVRQLSKLLRGTKALTEVIPLTEEAELELAENREILKEPVHGVY
YDPSKDLIAEIQKQGQGQWTYQIYQEPFKNLKTGKYARMRGAHTNDVKQLTEAVQKITTESIVIWGKTPKFKLPIQKETW
ETWWTEYWQATWIPEWEFVNTPPLVKLWYQLEKEPIVGAETFYVDGAANRETKLGKAGYVTNKGRQKVVPLTNTTNQKTE
LQAIYLALQDSGLEVNIVTNSQYALGIIQAQPDKSESELVNQIIEQLIKKEKVYLAWVPAHKGIGGNEQVDKLVSAG
;
A
2 'polypeptide(L)'
;MAHHHHHHALEVLFQGPISPIETVPVKLKPGMDGPKVKQWPLTEEKIKALVEICTEMEKEGKISKIGPENPYNTPVFAIK
KKDSTKWRKLVDFRELNKRTQDFWEVQLGIPHPAGLKKKKSVTVLDVGDAYFSVPLDEDFRKYTAFTIPSINNETPGIRY
QYNVLPQGWKGSPAIFQSSMTKILEPFKKQNPDIVIYQYMDDLYVGSDLEIGQHRTKIEELRQHLLRWGLTTPDKKHQKE
PPFLWMGYELHPDKWTVQPIVLPEKDSWTVNDIQKLVGKLNWASQIYPGIKVRQLCKLLRGTKALTEVIPLTEEAELELA
ENREILKEPVHGVYYDPSKDLIAEIQKQGQGQWTYQIYQEPFKNLKTGKYARMRGAHTNDVKQLTEAVQKITTESIVIWG
KTPKFKLPIQKETWETWWTEYWQATWIPEWEFVNTPPLVKLWYQ
;
B
3 'polydeoxyribonucleotide'
;(DT)(DA)(DA)(DT)(DT)(DG)(OMC)(DC)(OMC)(DC)(DC)(DC)(DT)(DT)(DC)(DG)(DG)(DT)(DG)
(DC)(DT)(DT)(DT)(DG)(DC)(DA)(DC)(DC)(DG)(DA)(DA)(DG)(DG)(DG)(DG)(DG)(DG)(DOC)
;
F
#
loop_
_chem_comp.id
_chem_comp.type
_chem_comp.name
_chem_comp.formula
DA DNA linking 2'-DEOXYADENOSINE-5'-MONOPHOSPHATE 'C10 H14 N5 O6 P'
DC DNA linking 2'-DEOXYCYTIDINE-5'-MONOPHOSPHATE 'C9 H14 N3 O7 P'
DG DNA linking 2'-DEOXYGUANOSINE-5'-MONOPHOSPHATE 'C10 H14 N5 O7 P'
DOC DNA linking 2',3'-DIDEOXYCYTIDINE-5'-MONOPHOSPHATE 'C9 H14 N3 O6 P'
DT DNA linking THYMIDINE-5'-MONOPHOSPHATE 'C10 H15 N2 O8 P'
DTP non-polymer '2'-DEOXYADENOSINE 5'-TRIPHOSPHATE' 'C10 H16 N5 O12 P3'
MG non-polymer 'MAGNESIUM ION' 'Mg 2'
OMC RNA linking O2'-METHYLYCYTIDINE-5'-MONOPHOSPHATE 'C10 H16 N3 O8 P'
#
# COMPACT_ATOMS: atom_id res chain seq x y z
N ILE A 4 -9.05 29.03 32.06
CA ILE A 4 -8.72 27.73 31.47
C ILE A 4 -7.52 27.88 30.54
N SER A 5 -7.73 28.55 29.39
CA SER A 5 -6.68 28.75 28.41
C SER A 5 -7.10 29.79 27.38
N PRO A 6 -6.15 30.60 26.88
CA PRO A 6 -6.47 31.52 25.79
C PRO A 6 -6.45 30.85 24.42
N ILE A 7 -6.42 29.51 24.41
CA ILE A 7 -6.42 28.76 23.17
C ILE A 7 -7.73 28.99 22.43
N GLU A 8 -7.65 29.19 21.12
CA GLU A 8 -8.84 29.31 20.30
C GLU A 8 -9.51 27.95 20.15
N THR A 9 -10.83 27.95 20.29
CA THR A 9 -11.58 26.71 20.18
C THR A 9 -11.69 26.28 18.71
N VAL A 10 -11.85 24.98 18.52
CA VAL A 10 -12.04 24.39 17.19
C VAL A 10 -13.53 24.27 16.95
N PRO A 11 -14.08 24.89 15.91
CA PRO A 11 -15.54 24.84 15.67
C PRO A 11 -15.97 23.43 15.30
N VAL A 12 -16.88 22.87 16.10
CA VAL A 12 -17.39 21.52 15.90
C VAL A 12 -18.90 21.60 15.73
N LYS A 13 -19.43 20.76 14.84
CA LYS A 13 -20.86 20.71 14.58
C LYS A 13 -21.33 19.26 14.57
N LEU A 14 -22.62 19.08 14.78
CA LEU A 14 -23.22 17.76 14.68
C LEU A 14 -23.37 17.37 13.21
N LYS A 15 -23.58 16.08 12.98
CA LYS A 15 -23.89 15.62 11.65
C LYS A 15 -25.24 16.18 11.21
N PRO A 16 -25.41 16.45 9.92
CA PRO A 16 -26.64 17.11 9.46
C PRO A 16 -27.89 16.31 9.80
N GLY A 17 -28.87 16.98 10.38
CA GLY A 17 -30.12 16.37 10.75
C GLY A 17 -30.12 15.61 12.05
N MET A 18 -29.01 15.59 12.78
CA MET A 18 -28.92 14.85 14.03
C MET A 18 -29.11 15.77 15.23
N ASP A 19 -29.47 15.16 16.35
CA ASP A 19 -29.67 15.88 17.59
C ASP A 19 -28.78 15.28 18.68
N GLY A 20 -28.64 16.01 19.78
CA GLY A 20 -27.79 15.59 20.86
C GLY A 20 -28.32 14.35 21.55
N PRO A 21 -27.46 13.64 22.25
CA PRO A 21 -27.88 12.41 22.90
C PRO A 21 -28.79 12.66 24.09
N LYS A 22 -29.62 11.67 24.39
CA LYS A 22 -30.50 11.70 25.56
C LYS A 22 -30.43 10.37 26.30
N VAL A 23 -29.21 9.89 26.52
CA VAL A 23 -28.98 8.59 27.15
C VAL A 23 -29.02 8.76 28.65
N LYS A 24 -29.74 7.88 29.33
CA LYS A 24 -29.87 7.95 30.77
C LYS A 24 -28.59 7.47 31.47
N GLN A 25 -28.37 7.99 32.67
CA GLN A 25 -27.23 7.59 33.47
C GLN A 25 -27.48 6.25 34.12
N TRP A 26 -26.54 5.32 33.96
CA TRP A 26 -26.67 4.03 34.62
C TRP A 26 -26.22 4.13 36.07
N PRO A 27 -26.71 3.25 36.93
CA PRO A 27 -26.31 3.30 38.35
C PRO A 27 -24.82 3.13 38.53
N LEU A 28 -24.28 3.83 39.52
CA LEU A 28 -22.85 3.82 39.81
C LEU A 28 -22.62 3.46 41.27
N THR A 29 -21.47 2.86 41.54
CA THR A 29 -21.14 2.50 42.91
C THR A 29 -20.78 3.75 43.72
N GLU A 30 -20.84 3.60 45.04
CA GLU A 30 -20.63 4.75 45.92
C GLU A 30 -19.22 5.31 45.80
N GLU A 31 -18.23 4.43 45.62
CA GLU A 31 -16.86 4.90 45.43
C GLU A 31 -16.75 5.74 44.16
N LYS A 32 -17.31 5.23 43.06
CA LYS A 32 -17.30 5.98 41.81
C LYS A 32 -18.06 7.28 41.95
N ILE A 33 -19.21 7.26 42.64
CA ILE A 33 -19.99 8.47 42.81
C ILE A 33 -19.22 9.52 43.60
N LYS A 34 -18.55 9.11 44.68
CA LYS A 34 -17.77 10.05 45.47
C LYS A 34 -16.60 10.62 44.67
N ALA A 35 -15.91 9.77 43.91
CA ALA A 35 -14.81 10.25 43.08
C ALA A 35 -15.31 11.24 42.04
N LEU A 36 -16.44 10.93 41.40
CA LEU A 36 -17.01 11.83 40.40
C LEU A 36 -17.45 13.15 41.04
N VAL A 37 -18.01 13.08 42.24
CA VAL A 37 -18.45 14.30 42.92
C VAL A 37 -17.26 15.18 43.23
N GLU A 38 -16.18 14.60 43.74
CA GLU A 38 -14.98 15.39 44.03
C GLU A 38 -14.41 16.01 42.77
N ILE A 39 -14.27 15.19 41.71
CA ILE A 39 -13.70 15.70 40.46
C ILE A 39 -14.58 16.80 39.89
N CYS A 40 -15.90 16.62 39.92
CA CYS A 40 -16.81 17.59 39.33
C CYS A 40 -16.82 18.88 40.14
N THR A 41 -16.72 18.78 41.47
CA THR A 41 -16.64 20.00 42.28
C THR A 41 -15.37 20.77 41.96
N GLU A 42 -14.24 20.08 41.85
CA GLU A 42 -12.99 20.76 41.51
C GLU A 42 -13.05 21.38 40.12
N MET A 43 -13.65 20.67 39.16
CA MET A 43 -13.76 21.18 37.80
C MET A 43 -14.68 22.39 37.74
N GLU A 44 -15.79 22.34 38.50
CA GLU A 44 -16.72 23.46 38.54
C GLU A 44 -16.08 24.69 39.16
N LYS A 45 -15.26 24.49 40.20
CA LYS A 45 -14.56 25.62 40.81
C LYS A 45 -13.62 26.28 39.81
N GLU A 46 -12.94 25.49 38.99
CA GLU A 46 -12.01 26.00 38.00
C GLU A 46 -12.68 26.41 36.69
N GLY A 47 -13.99 26.24 36.57
CA GLY A 47 -14.70 26.61 35.36
C GLY A 47 -14.60 25.61 34.23
N LYS A 48 -14.12 24.40 34.49
CA LYS A 48 -14.00 23.40 33.43
C LYS A 48 -15.35 22.83 33.05
N ILE A 49 -16.30 22.79 33.99
CA ILE A 49 -17.67 22.39 33.70
C ILE A 49 -18.60 23.42 34.31
N SER A 50 -19.82 23.47 33.80
CA SER A 50 -20.81 24.45 34.23
C SER A 50 -22.10 23.76 34.59
N LYS A 51 -22.70 24.20 35.69
CA LYS A 51 -24.01 23.68 36.08
C LYS A 51 -25.07 24.08 35.07
N ILE A 52 -26.01 23.17 34.82
CA ILE A 52 -27.11 23.40 33.89
C ILE A 52 -28.41 23.02 34.57
N GLY A 53 -29.52 23.38 33.91
CA GLY A 53 -30.82 23.12 34.46
C GLY A 53 -31.79 22.53 33.43
N PRO A 54 -33.07 22.85 33.58
CA PRO A 54 -34.07 22.28 32.65
C PRO A 54 -33.91 22.75 31.22
N GLU A 55 -33.18 23.85 30.99
CA GLU A 55 -33.01 24.36 29.63
C GLU A 55 -32.21 23.41 28.75
N ASN A 56 -31.51 22.43 29.34
CA ASN A 56 -30.71 21.48 28.58
C ASN A 56 -31.38 20.11 28.61
N PRO A 57 -31.85 19.60 27.47
CA PRO A 57 -32.54 18.30 27.46
C PRO A 57 -31.64 17.09 27.23
N TYR A 58 -30.34 17.28 27.10
CA TYR A 58 -29.43 16.20 26.75
C TYR A 58 -28.82 15.57 27.99
N ASN A 59 -28.35 14.33 27.83
CA ASN A 59 -27.65 13.62 28.89
C ASN A 59 -26.81 12.52 28.26
N THR A 60 -25.73 12.16 28.96
CA THR A 60 -24.82 11.14 28.51
C THR A 60 -24.25 10.50 29.77
N PRO A 61 -24.20 9.17 29.85
CA PRO A 61 -23.69 8.53 31.06
C PRO A 61 -22.23 8.88 31.32
N VAL A 62 -21.89 9.01 32.60
CA VAL A 62 -20.51 9.22 33.02
C VAL A 62 -20.09 8.03 33.88
N PHE A 63 -18.78 7.84 33.96
CA PHE A 63 -18.20 6.84 34.84
C PHE A 63 -16.77 7.24 35.13
N ALA A 64 -16.08 6.45 35.94
CA ALA A 64 -14.71 6.76 36.30
C ALA A 64 -13.90 5.48 36.27
N ILE A 65 -12.63 5.61 35.90
CA ILE A 65 -11.68 4.51 35.93
C ILE A 65 -10.44 4.97 36.69
N LYS A 66 -9.54 4.03 36.95
CA LYS A 66 -8.30 4.35 37.62
C LYS A 66 -7.22 4.72 36.60
N LYS A 67 -6.40 5.69 36.96
CA LYS A 67 -5.30 6.10 36.11
C LYS A 67 -4.11 5.16 36.31
N LYS A 68 -3.05 5.35 35.52
CA LYS A 68 -1.80 4.55 35.73
C LYS A 68 -1.34 4.82 37.15
N ASP A 69 -1.27 6.09 37.54
CA ASP A 69 -1.02 6.40 38.94
C ASP A 69 -2.32 6.21 39.72
N SER A 70 -2.35 5.21 40.59
CA SER A 70 -3.57 4.91 41.33
C SER A 70 -3.86 6.02 42.34
N THR A 71 -4.95 5.83 43.10
CA THR A 71 -5.47 6.83 44.04
C THR A 71 -5.87 8.10 43.32
N LYS A 72 -5.91 8.08 41.99
CA LYS A 72 -6.41 9.18 41.19
C LYS A 72 -7.35 8.62 40.14
N TRP A 73 -8.48 9.30 39.93
CA TRP A 73 -9.52 8.82 39.04
C TRP A 73 -9.53 9.62 37.74
N ARG A 74 -9.89 8.94 36.66
CA ARG A 74 -10.10 9.55 35.36
C ARG A 74 -11.59 9.51 35.06
N LYS A 75 -12.18 10.67 34.81
CA LYS A 75 -13.60 10.79 34.53
C LYS A 75 -13.84 10.61 33.05
N LEU A 76 -14.65 9.62 32.69
CA LEU A 76 -14.95 9.31 31.31
C LEU A 76 -16.44 9.47 31.06
N VAL A 77 -16.77 9.81 29.81
CA VAL A 77 -18.16 9.97 29.38
C VAL A 77 -18.40 9.02 28.23
N ASP A 78 -19.48 8.24 28.31
CA ASP A 78 -19.83 7.28 27.26
C ASP A 78 -20.54 8.03 26.14
N PHE A 79 -19.74 8.71 25.32
CA PHE A 79 -20.23 9.58 24.27
C PHE A 79 -20.50 8.84 22.97
N ARG A 80 -20.80 7.55 23.03
CA ARG A 80 -20.94 6.75 21.81
C ARG A 80 -22.06 7.27 20.92
N GLU A 81 -23.19 7.65 21.52
CA GLU A 81 -24.27 8.25 20.73
C GLU A 81 -23.84 9.58 20.14
N LEU A 82 -23.27 10.46 20.96
CA LEU A 82 -22.78 11.73 20.46
C LEU A 82 -21.67 11.54 19.44
N ASN A 83 -20.81 10.54 19.65
CA ASN A 83 -19.77 10.25 18.68
C ASN A 83 -20.37 9.82 17.35
N LYS A 84 -21.45 9.04 17.39
CA LYS A 84 -22.14 8.67 16.15
C LYS A 84 -22.73 9.89 15.48
N ARG A 85 -23.24 10.84 16.25
CA ARG A 85 -23.87 12.03 15.68
C ARG A 85 -22.92 13.21 15.51
N THR A 86 -21.64 13.05 15.84
CA THR A 86 -20.66 14.12 15.67
C THR A 86 -20.07 14.09 14.27
N GLN A 87 -19.71 15.27 13.76
CA GLN A 87 -19.05 15.38 12.47
C GLN A 87 -17.77 14.57 12.45
N ASP A 88 -17.35 14.20 11.24
CA ASP A 88 -16.11 13.47 11.07
C ASP A 88 -14.90 14.38 11.26
N PHE A 89 -13.83 13.82 11.79
CA PHE A 89 -12.56 14.52 11.96
C PHE A 89 -11.49 13.79 11.16
N TRP A 90 -10.42 14.50 10.85
CA TRP A 90 -9.21 13.88 10.31
C TRP A 90 -8.16 13.83 11.40
N GLU A 91 -7.65 12.64 11.67
CA GLU A 91 -6.70 12.44 12.74
C GLU A 91 -5.31 12.90 12.30
N VAL A 92 -4.65 13.68 13.16
CA VAL A 92 -3.32 14.17 12.84
C VAL A 92 -2.22 13.26 13.38
N GLN A 93 -2.54 12.35 14.29
CA GLN A 93 -1.58 11.37 14.78
C GLN A 93 -1.44 10.28 13.73
N LEU A 94 -0.28 10.23 13.07
CA LEU A 94 -0.06 9.30 11.98
C LEU A 94 0.71 8.05 12.40
N GLY A 95 1.09 7.95 13.67
CA GLY A 95 1.85 6.81 14.11
C GLY A 95 2.39 7.04 15.51
N ILE A 96 3.29 6.14 15.91
CA ILE A 96 3.84 6.12 17.26
C ILE A 96 5.35 6.36 17.15
N PRO A 97 5.91 7.30 17.89
CA PRO A 97 7.37 7.47 17.88
C PRO A 97 8.06 6.26 18.48
N HIS A 98 9.25 5.97 17.94
CA HIS A 98 10.01 4.83 18.41
C HIS A 98 11.37 5.27 18.95
N PRO A 99 11.81 4.71 20.07
CA PRO A 99 13.12 5.10 20.62
C PRO A 99 14.28 4.80 19.69
N ALA A 100 14.16 3.78 18.85
CA ALA A 100 15.24 3.49 17.89
C ALA A 100 15.45 4.63 16.91
N GLY A 101 14.44 5.46 16.68
CA GLY A 101 14.58 6.63 15.85
C GLY A 101 15.11 7.85 16.57
N LEU A 102 15.38 7.74 17.87
CA LEU A 102 15.94 8.85 18.63
C LEU A 102 17.45 8.92 18.44
N LYS A 103 17.95 10.14 18.28
CA LYS A 103 19.39 10.37 18.26
C LYS A 103 19.89 10.58 19.68
N LYS A 104 21.17 10.29 19.89
CA LYS A 104 21.76 10.45 21.21
C LYS A 104 21.85 11.92 21.58
N LYS A 105 21.34 12.27 22.76
CA LYS A 105 21.33 13.64 23.24
C LYS A 105 22.00 13.70 24.60
N LYS A 106 22.77 14.76 24.84
CA LYS A 106 23.49 14.89 26.09
C LYS A 106 22.53 15.02 27.27
N SER A 107 21.47 15.81 27.12
CA SER A 107 20.53 16.07 28.19
C SER A 107 19.12 15.77 27.71
N VAL A 108 18.34 15.12 28.57
CA VAL A 108 16.99 14.66 28.23
C VAL A 108 16.06 15.00 29.38
N THR A 109 14.83 15.40 29.05
CA THR A 109 13.80 15.69 30.05
C THR A 109 12.46 15.23 29.50
N VAL A 110 11.68 14.52 30.31
CA VAL A 110 10.35 14.08 29.94
C VAL A 110 9.33 14.84 30.77
N LEU A 111 8.38 15.50 30.09
CA LEU A 111 7.38 16.34 30.71
C LEU A 111 5.99 15.82 30.39
N ASP A 112 5.14 16.09 31.37
CA ASP A 112 3.73 15.78 31.18
C ASP A 112 2.91 16.94 31.72
N VAL A 113 1.81 17.23 30.97
CA VAL A 113 0.93 18.31 31.39
C VAL A 113 -0.23 17.71 32.17
N GLY A 114 -0.62 18.40 33.24
CA GLY A 114 -1.68 17.90 34.11
C GLY A 114 -3.04 18.31 33.61
N ASP A 115 -3.97 17.36 33.58
CA ASP A 115 -5.32 17.58 33.08
C ASP A 115 -5.29 18.14 31.67
N ALA A 116 -4.74 17.33 30.75
CA ALA A 116 -4.43 17.81 29.41
C ALA A 116 -5.69 18.23 28.66
N TYR A 117 -6.69 17.35 28.60
CA TYR A 117 -7.91 17.67 27.87
C TYR A 117 -8.66 18.82 28.54
N PHE A 118 -8.68 18.84 29.87
CA PHE A 118 -9.43 19.82 30.62
C PHE A 118 -8.81 21.21 30.56
N SER A 119 -7.63 21.36 29.96
CA SER A 119 -7.03 22.66 29.79
C SER A 119 -7.26 23.25 28.39
N VAL A 120 -8.00 22.57 27.53
CA VAL A 120 -8.32 23.05 26.19
C VAL A 120 -9.81 23.33 26.13
N PRO A 121 -10.23 24.56 25.85
CA PRO A 121 -11.66 24.86 25.83
C PRO A 121 -12.38 24.17 24.69
N LEU A 122 -13.65 23.87 24.93
CA LEU A 122 -14.51 23.25 23.93
C LEU A 122 -15.38 24.30 23.27
N ASP A 123 -15.72 24.05 22.00
CA ASP A 123 -16.57 24.96 21.25
C ASP A 123 -17.86 25.23 22.00
N GLU A 124 -18.21 26.52 22.11
CA GLU A 124 -19.35 26.91 22.94
C GLU A 124 -20.66 26.32 22.42
N ASP A 125 -20.90 26.43 21.11
CA ASP A 125 -22.14 25.93 20.55
C ASP A 125 -22.30 24.41 20.72
N PHE A 126 -21.20 23.69 20.88
CA PHE A 126 -21.23 22.26 21.11
C PHE A 126 -21.41 21.89 22.57
N ARG A 127 -21.21 22.83 23.49
CA ARG A 127 -21.13 22.49 24.91
C ARG A 127 -22.42 21.86 25.41
N LYS A 128 -23.58 22.33 24.92
CA LYS A 128 -24.85 21.79 25.39
C LYS A 128 -24.96 20.29 25.12
N TYR A 129 -24.26 19.78 24.11
CA TYR A 129 -24.35 18.36 23.81
C TYR A 129 -23.56 17.50 24.77
N THR A 130 -22.70 18.09 25.60
CA THR A 130 -21.88 17.34 26.54
C THR A 130 -22.51 17.25 27.91
N ALA A 131 -23.82 17.47 28.01
CA ALA A 131 -24.49 17.44 29.30
C ALA A 131 -24.41 16.06 29.92
N PHE A 132 -24.22 16.03 31.24
CA PHE A 132 -24.18 14.77 31.97
C PHE A 132 -24.75 15.01 33.36
N THR A 133 -25.13 13.92 34.02
CA THR A 133 -25.74 13.98 35.34
C THR A 133 -24.92 13.14 36.31
N ILE A 134 -24.44 13.78 37.37
CA ILE A 134 -23.77 13.05 38.45
C ILE A 134 -24.88 12.57 39.38
N PRO A 135 -25.08 11.26 39.50
CA PRO A 135 -26.12 10.76 40.40
C PRO A 135 -25.76 11.02 41.86
N SER A 136 -26.79 11.23 42.66
CA SER A 136 -26.59 11.47 44.08
C SER A 136 -26.22 10.17 44.78
N ILE A 137 -25.56 10.31 45.94
CA ILE A 137 -25.21 9.14 46.73
C ILE A 137 -26.48 8.42 47.14
N ASN A 138 -26.48 7.10 46.97
CA ASN A 138 -27.66 6.26 47.16
C ASN A 138 -28.75 6.69 46.19
N ASN A 139 -29.76 7.42 46.68
CA ASN A 139 -30.89 7.81 45.84
C ASN A 139 -31.62 9.02 46.42
N GLU A 140 -32.86 9.23 45.97
CA GLU A 140 -33.78 10.28 46.42
C GLU A 140 -33.48 11.61 45.76
N THR A 141 -32.58 12.40 46.35
CA THR A 141 -32.26 13.70 45.77
C THR A 141 -31.70 13.52 44.37
N PRO A 142 -32.10 14.35 43.41
CA PRO A 142 -31.66 14.15 42.02
C PRO A 142 -30.20 14.53 41.84
N GLY A 143 -29.59 13.95 40.81
CA GLY A 143 -28.20 14.23 40.52
C GLY A 143 -27.99 15.63 40.00
N ILE A 144 -26.75 16.09 40.07
CA ILE A 144 -26.39 17.43 39.62
C ILE A 144 -26.01 17.36 38.15
N ARG A 145 -26.60 18.24 37.35
CA ARG A 145 -26.40 18.23 35.91
C ARG A 145 -25.36 19.27 35.53
N TYR A 146 -24.37 18.84 34.74
CA TYR A 146 -23.30 19.71 34.28
C TYR A 146 -23.18 19.61 32.77
N GLN A 147 -22.40 20.52 32.21
CA GLN A 147 -21.98 20.46 30.82
C GLN A 147 -20.50 20.82 30.75
N TYR A 148 -19.81 20.26 29.76
CA TYR A 148 -18.38 20.45 29.62
C TYR A 148 -18.07 21.79 28.97
N ASN A 149 -17.19 22.56 29.59
CA ASN A 149 -16.62 23.74 28.97
C ASN A 149 -15.26 23.48 28.33
N VAL A 150 -14.75 22.25 28.45
CA VAL A 150 -13.45 21.87 27.95
C VAL A 150 -13.59 20.55 27.20
N LEU A 151 -12.47 20.06 26.69
CA LEU A 151 -12.48 18.81 25.94
C LEU A 151 -12.82 17.65 26.87
N PRO A 152 -13.86 16.87 26.60
CA PRO A 152 -14.17 15.71 27.44
C PRO A 152 -13.42 14.47 26.99
N GLN A 153 -13.14 13.61 27.95
CA GLN A 153 -12.50 12.33 27.68
C GLN A 153 -13.58 11.31 27.35
N GLY A 154 -13.47 10.70 26.18
CA GLY A 154 -14.49 9.82 25.65
C GLY A 154 -15.19 10.36 24.42
N TRP A 155 -14.95 11.61 24.06
CA TRP A 155 -15.49 12.19 22.84
C TRP A 155 -14.51 12.00 21.70
N LYS A 156 -15.03 11.61 20.53
CA LYS A 156 -14.18 11.25 19.42
C LYS A 156 -13.44 12.42 18.80
N GLY A 157 -13.82 13.66 19.14
CA GLY A 157 -13.13 14.81 18.59
C GLY A 157 -12.02 15.32 19.48
N SER A 158 -12.01 14.90 20.74
CA SER A 158 -11.04 15.43 21.70
C SER A 158 -9.59 15.15 21.34
N PRO A 159 -9.19 13.93 20.93
CA PRO A 159 -7.75 13.71 20.67
C PRO A 159 -7.17 14.57 19.58
N ALA A 160 -7.83 14.65 18.43
CA ALA A 160 -7.32 15.46 17.33
C ALA A 160 -7.28 16.94 17.70
N ILE A 161 -8.31 17.43 18.37
CA ILE A 161 -8.35 18.83 18.78
C ILE A 161 -7.20 19.13 19.73
N PHE A 162 -6.98 18.26 20.71
CA PHE A 162 -5.90 18.50 21.66
C PHE A 162 -4.55 18.45 20.98
N GLN A 163 -4.34 17.49 20.07
CA GLN A 163 -3.05 17.39 19.40
C GLN A 163 -2.77 18.62 18.55
N SER A 164 -3.77 19.10 17.82
CA SER A 164 -3.59 20.31 17.03
C SER A 164 -3.31 21.52 17.93
N SER A 165 -4.03 21.62 19.05
CA SER A 165 -3.82 22.73 19.97
C SER A 165 -2.42 22.70 20.57
N MET A 166 -1.94 21.50 20.93
CA MET A 166 -0.60 21.38 21.48
C MET A 166 0.46 21.73 20.45
N THR A 167 0.25 21.33 19.19
CA THR A 167 1.17 21.73 18.13
C THR A 167 1.21 23.24 17.98
N LYS A 168 0.04 23.88 18.01
CA LYS A 168 -0.01 25.34 17.90
C LYS A 168 0.71 26.00 19.07
N ILE A 169 0.54 25.45 20.28
CA ILE A 169 1.20 26.02 21.45
C ILE A 169 2.71 25.87 21.33
N LEU A 170 3.18 24.71 20.87
CA LEU A 170 4.61 24.45 20.82
C LEU A 170 5.32 25.09 19.63
N GLU A 171 4.58 25.54 18.62
CA GLU A 171 5.21 26.15 17.45
C GLU A 171 6.15 27.31 17.79
N PRO A 172 5.77 28.32 18.58
CA PRO A 172 6.70 29.43 18.83
C PRO A 172 7.97 29.01 19.56
N PHE A 173 7.84 28.17 20.59
CA PHE A 173 9.03 27.74 21.32
C PHE A 173 9.97 26.95 20.43
N LYS A 174 9.43 26.06 19.60
CA LYS A 174 10.28 25.30 18.69
C LYS A 174 10.92 26.20 17.64
N LYS A 175 10.21 27.25 17.20
CA LYS A 175 10.83 28.21 16.29
C LYS A 175 11.99 28.94 16.95
N GLN A 176 11.81 29.35 18.20
CA GLN A 176 12.86 30.10 18.90
C GLN A 176 14.03 29.21 19.30
N ASN A 177 13.84 27.91 19.39
CA ASN A 177 14.88 26.98 19.85
C ASN A 177 15.00 25.84 18.86
N PRO A 178 15.61 26.09 17.69
CA PRO A 178 15.71 25.03 16.68
C PRO A 178 16.64 23.89 17.07
N ASP A 179 17.54 24.09 18.03
CA ASP A 179 18.47 23.06 18.44
C ASP A 179 17.90 22.13 19.50
N ILE A 180 16.67 22.36 19.94
CA ILE A 180 16.02 21.52 20.93
C ILE A 180 15.09 20.57 20.21
N VAL A 181 15.21 19.27 20.50
CA VAL A 181 14.36 18.26 19.91
C VAL A 181 13.18 18.03 20.85
N ILE A 182 11.96 18.15 20.34
CA ILE A 182 10.76 17.94 21.13
C ILE A 182 9.89 16.92 20.42
N TYR A 183 9.74 15.75 21.02
CA TYR A 183 8.77 14.75 20.60
C TYR A 183 7.50 14.97 21.39
N GLN A 184 6.39 15.21 20.72
CA GLN A 184 5.11 15.38 21.39
C GLN A 184 4.17 14.25 20.98
N TYR A 185 3.68 13.51 21.97
CA TYR A 185 2.66 12.49 21.77
C TYR A 185 1.52 12.81 22.73
N MET A 186 0.41 13.31 22.22
CA MET A 186 -0.69 13.85 23.08
C MET A 186 -0.10 14.94 23.99
N ASP A 187 0.00 14.65 25.38
CA ASP A 187 0.48 15.66 26.33
C ASP A 187 1.91 15.31 26.78
N ASP A 188 2.49 14.27 26.14
CA ASP A 188 3.79 13.79 26.59
C ASP A 188 4.88 14.45 25.75
N LEU A 189 5.84 15.10 26.41
CA LEU A 189 6.88 15.87 25.74
C LEU A 189 8.25 15.32 26.11
N TYR A 190 8.91 14.67 25.15
CA TYR A 190 10.32 14.33 25.28
C TYR A 190 11.12 15.51 24.75
N VAL A 191 12.07 16.00 25.54
CA VAL A 191 12.88 17.15 25.18
C VAL A 191 14.33 16.77 25.29
N GLY A 192 15.03 16.72 24.17
CA GLY A 192 16.43 16.37 24.14
C GLY A 192 17.26 17.52 23.60
N SER A 193 18.47 17.67 24.14
CA SER A 193 19.36 18.73 23.71
C SER A 193 20.80 18.30 23.94
N ASP A 194 21.72 18.99 23.28
CA ASP A 194 23.15 18.77 23.47
C ASP A 194 23.76 19.79 24.41
N LEU A 195 22.94 20.63 25.04
CA LEU A 195 23.44 21.62 25.97
C LEU A 195 23.90 20.97 27.26
N GLU A 196 24.64 21.73 28.05
CA GLU A 196 24.99 21.28 29.39
C GLU A 196 23.73 21.16 30.24
N ILE A 197 23.83 20.42 31.34
CA ILE A 197 22.64 20.11 32.13
C ILE A 197 22.03 21.39 32.70
N GLY A 198 22.87 22.35 33.09
CA GLY A 198 22.33 23.60 33.60
C GLY A 198 21.58 24.40 32.53
N GLN A 199 22.18 24.54 31.35
CA GLN A 199 21.50 25.23 30.27
C GLN A 199 20.26 24.47 29.81
N HIS A 200 20.32 23.14 29.81
CA HIS A 200 19.15 22.36 29.46
C HIS A 200 18.01 22.57 30.44
N ARG A 201 18.33 22.62 31.74
CA ARG A 201 17.29 22.88 32.73
C ARG A 201 16.74 24.28 32.63
N THR A 202 17.58 25.26 32.29
CA THR A 202 17.07 26.61 32.02
C THR A 202 16.10 26.60 30.84
N LYS A 203 16.46 25.88 29.77
CA LYS A 203 15.56 25.78 28.63
C LYS A 203 14.26 25.06 29.00
N ILE A 204 14.34 24.06 29.88
CA ILE A 204 13.16 23.35 30.33
C ILE A 204 12.25 24.28 31.11
N GLU A 205 12.83 25.11 31.98
CA GLU A 205 12.03 26.08 32.72
C GLU A 205 11.39 27.09 31.79
N GLU A 206 12.11 27.52 30.76
CA GLU A 206 11.53 28.41 29.77
C GLU A 206 10.35 27.75 29.05
N LEU A 207 10.49 26.48 28.70
CA LEU A 207 9.40 25.76 28.04
C LEU A 207 8.20 25.62 28.96
N ARG A 208 8.44 25.34 30.25
CA ARG A 208 7.35 25.22 31.20
C ARG A 208 6.63 26.54 31.38
N GLN A 209 7.37 27.65 31.44
CA GLN A 209 6.73 28.96 31.51
C GLN A 209 5.93 29.24 30.24
N HIS A 210 6.46 28.88 29.07
CA HIS A 210 5.74 29.06 27.83
C HIS A 210 4.43 28.28 27.82
N LEU A 211 4.46 27.03 28.31
CA LEU A 211 3.25 26.24 28.39
C LEU A 211 2.27 26.82 29.40
N LEU A 212 2.78 27.32 30.52
CA LEU A 212 1.91 27.90 31.55
C LEU A 212 1.22 29.15 31.04
N ARG A 213 1.88 29.91 30.16
CA ARG A 213 1.24 31.08 29.58
C ARG A 213 0.02 30.71 28.75
N TRP A 214 -0.06 29.45 28.32
CA TRP A 214 -1.20 28.95 27.55
C TRP A 214 -2.17 28.15 28.42
N GLY A 215 -1.96 28.17 29.74
CA GLY A 215 -2.84 27.46 30.65
C GLY A 215 -2.54 25.97 30.76
N LEU A 216 -1.38 25.55 30.29
CA LEU A 216 -0.98 24.15 30.34
C LEU A 216 0.00 23.98 31.51
N THR A 217 -0.51 23.52 32.64
CA THR A 217 0.33 23.30 33.80
C THR A 217 1.15 22.02 33.63
N THR A 218 2.37 22.04 34.15
CA THR A 218 3.27 20.89 34.11
C THR A 218 3.65 20.55 35.55
N PRO A 219 2.89 19.69 36.21
CA PRO A 219 3.19 19.36 37.61
C PRO A 219 4.55 18.69 37.75
N ASP A 220 5.20 18.96 38.88
CA ASP A 220 6.52 18.40 39.13
C ASP A 220 6.49 16.90 39.35
N LYS A 221 5.33 16.33 39.68
CA LYS A 221 5.25 14.90 39.90
C LYS A 221 5.53 14.12 38.61
N LYS A 222 5.03 14.62 37.48
CA LYS A 222 5.21 13.96 36.19
C LYS A 222 6.41 14.48 35.43
N HIS A 223 7.22 15.33 36.06
CA HIS A 223 8.40 15.92 35.44
C HIS A 223 9.61 15.07 35.81
N GLN A 224 10.12 14.32 34.84
CA GLN A 224 11.28 13.46 35.05
C GLN A 224 12.55 14.20 34.66
N LYS A 225 13.55 14.18 35.54
CA LYS A 225 14.80 14.89 35.31
C LYS A 225 16.03 14.00 35.30
N GLU A 226 15.90 12.72 35.65
CA GLU A 226 17.04 11.84 35.72
C GLU A 226 16.75 10.53 35.01
N PRO A 227 17.77 9.92 34.41
CA PRO A 227 17.56 8.64 33.73
C PRO A 227 17.42 7.51 34.75
N PRO A 228 16.75 6.41 34.38
CA PRO A 228 16.09 6.15 33.09
C PRO A 228 14.76 6.89 32.98
N PHE A 229 14.40 7.33 31.79
CA PHE A 229 13.16 8.07 31.57
C PHE A 229 12.09 7.12 31.08
N LEU A 230 10.94 7.15 31.72
CA LEU A 230 9.80 6.34 31.29
C LEU A 230 9.05 7.11 30.20
N TRP A 231 9.23 6.70 28.96
CA TRP A 231 8.68 7.41 27.82
C TRP A 231 8.01 6.41 26.88
N MET A 232 6.69 6.50 26.77
CA MET A 232 5.92 5.77 25.78
C MET A 232 6.13 4.26 25.89
N GLY A 233 6.19 3.76 27.11
CA GLY A 233 6.37 2.34 27.34
C GLY A 233 7.80 1.87 27.30
N TYR A 234 8.77 2.78 27.17
CA TYR A 234 10.17 2.44 27.11
C TYR A 234 10.92 3.07 28.27
N GLU A 235 12.03 2.45 28.65
CA GLU A 235 12.97 3.04 29.57
C GLU A 235 14.16 3.54 28.78
N LEU A 236 14.40 4.84 28.83
CA LEU A 236 15.47 5.49 28.07
C LEU A 236 16.65 5.75 28.98
N HIS A 237 17.79 5.16 28.66
CA HIS A 237 19.06 5.42 29.29
C HIS A 237 19.90 6.33 28.40
N PRO A 238 21.00 6.87 28.91
CA PRO A 238 21.81 7.77 28.07
C PRO A 238 22.29 7.15 26.76
N ASP A 239 22.66 5.87 26.78
CA ASP A 239 23.22 5.24 25.58
C ASP A 239 22.42 4.05 25.08
N LYS A 240 21.31 3.70 25.73
CA LYS A 240 20.53 2.56 25.31
C LYS A 240 19.08 2.74 25.76
N TRP A 241 18.20 1.97 25.15
CA TRP A 241 16.79 1.97 25.51
C TRP A 241 16.31 0.53 25.64
N THR A 242 15.35 0.32 26.53
CA THR A 242 14.71 -0.97 26.70
C THR A 242 13.21 -0.78 26.71
N VAL A 243 12.47 -1.86 26.57
CA VAL A 243 11.04 -1.82 26.82
C VAL A 243 10.80 -1.91 28.32
N GLN A 244 9.72 -1.30 28.77
CA GLN A 244 9.33 -1.47 30.16
C GLN A 244 8.96 -2.93 30.40
N PRO A 245 9.22 -3.45 31.60
CA PRO A 245 9.20 -4.90 31.80
C PRO A 245 7.90 -5.55 31.33
N ILE A 246 8.05 -6.63 30.58
CA ILE A 246 6.92 -7.37 30.02
C ILE A 246 6.70 -8.61 30.87
N VAL A 247 5.50 -8.75 31.43
CA VAL A 247 5.17 -9.85 32.30
C VAL A 247 4.28 -10.81 31.52
N LEU A 248 4.85 -11.93 31.10
CA LEU A 248 4.07 -12.93 30.40
C LEU A 248 3.17 -13.67 31.39
N PRO A 249 1.89 -13.86 31.08
CA PRO A 249 1.02 -14.59 32.00
C PRO A 249 1.48 -16.02 32.21
N GLU A 250 1.31 -16.52 33.43
CA GLU A 250 1.65 -17.89 33.78
C GLU A 250 0.35 -18.60 34.17
N LYS A 251 -0.20 -19.37 33.22
CA LYS A 251 -1.47 -20.03 33.41
C LYS A 251 -1.31 -21.53 33.21
N ASP A 252 -2.00 -22.31 34.04
CA ASP A 252 -2.05 -23.76 33.87
C ASP A 252 -3.09 -24.17 32.84
N SER A 253 -4.26 -23.51 32.88
CA SER A 253 -5.30 -23.69 31.88
C SER A 253 -5.47 -22.37 31.13
N TRP A 254 -5.40 -22.42 29.81
CA TRP A 254 -5.43 -21.23 28.97
C TRP A 254 -6.78 -21.13 28.28
N THR A 255 -7.39 -19.95 28.36
CA THR A 255 -8.59 -19.67 27.58
C THR A 255 -8.22 -18.96 26.28
N VAL A 256 -9.23 -18.73 25.45
CA VAL A 256 -8.99 -18.04 24.18
C VAL A 256 -8.50 -16.63 24.44
N ASN A 257 -9.11 -15.93 25.39
CA ASN A 257 -8.70 -14.58 25.72
C ASN A 257 -7.27 -14.55 26.25
N ASP A 258 -6.91 -15.54 27.07
CA ASP A 258 -5.56 -15.60 27.60
C ASP A 258 -4.54 -15.81 26.49
N ILE A 259 -4.86 -16.67 25.51
CA ILE A 259 -3.96 -16.88 24.38
C ILE A 259 -3.84 -15.61 23.55
N GLN A 260 -4.95 -14.89 23.36
CA GLN A 260 -4.90 -13.63 22.64
C GLN A 260 -4.01 -12.62 23.34
N LYS A 261 -4.15 -12.51 24.67
CA LYS A 261 -3.30 -11.59 25.43
C LYS A 261 -1.84 -11.99 25.34
N LEU A 262 -1.56 -13.28 25.42
CA LEU A 262 -0.18 -13.75 25.33
C LEU A 262 0.42 -13.44 23.96
N VAL A 263 -0.35 -13.66 22.90
CA VAL A 263 0.15 -13.38 21.56
C VAL A 263 0.39 -11.89 21.38
N GLY A 264 -0.51 -11.05 21.90
CA GLY A 264 -0.30 -9.61 21.81
C GLY A 264 0.94 -9.15 22.56
N LYS A 265 1.15 -9.69 23.77
CA LYS A 265 2.33 -9.33 24.53
C LYS A 265 3.61 -9.80 23.84
N LEU A 266 3.58 -10.98 23.23
CA LEU A 266 4.75 -11.46 22.50
C LEU A 266 5.02 -10.61 21.27
N ASN A 267 3.96 -10.17 20.58
CA ASN A 267 4.15 -9.26 19.44
C ASN A 267 4.77 -7.96 19.89
N TRP A 268 4.33 -7.44 21.04
CA TRP A 268 4.95 -6.23 21.59
C TRP A 268 6.42 -6.46 21.94
N ALA A 269 6.72 -7.61 22.54
CA ALA A 269 8.10 -7.90 22.94
C ALA A 269 9.01 -8.13 21.76
N SER A 270 8.46 -8.55 20.62
CA SER A 270 9.29 -8.88 19.46
C SER A 270 9.98 -7.66 18.85
N GLN A 271 9.61 -6.44 19.25
CA GLN A 271 10.24 -5.25 18.69
C GLN A 271 11.68 -5.08 19.16
N ILE A 272 12.07 -5.70 20.27
CA ILE A 272 13.45 -5.63 20.73
C ILE A 272 14.02 -6.98 21.14
N TYR A 273 13.19 -8.00 21.36
CA TYR A 273 13.70 -9.32 21.72
C TYR A 273 13.77 -10.18 20.47
N PRO A 274 14.95 -10.66 20.08
CA PRO A 274 15.06 -11.45 18.85
C PRO A 274 14.51 -12.85 19.01
N GLY A 275 13.94 -13.37 17.91
CA GLY A 275 13.52 -14.74 17.84
C GLY A 275 12.15 -15.06 18.38
N ILE A 276 11.34 -14.05 18.69
CA ILE A 276 10.00 -14.30 19.22
C ILE A 276 9.14 -14.91 18.12
N LYS A 277 8.48 -16.04 18.44
CA LYS A 277 7.62 -16.74 17.51
C LYS A 277 6.26 -16.96 18.15
N VAL A 278 5.19 -16.72 17.36
CA VAL A 278 3.83 -16.80 17.88
C VAL A 278 2.94 -17.63 16.97
N ARG A 279 3.52 -18.27 15.96
CA ARG A 279 2.71 -18.97 14.96
C ARG A 279 1.95 -20.13 15.59
N GLN A 280 2.63 -20.95 16.40
CA GLN A 280 1.97 -22.09 17.01
C GLN A 280 0.95 -21.67 18.04
N LEU A 281 1.18 -20.54 18.73
CA LEU A 281 0.18 -20.03 19.66
C LEU A 281 -0.99 -19.41 18.93
N SER A 282 -0.73 -18.71 17.82
CA SER A 282 -1.81 -18.12 17.04
C SER A 282 -2.69 -19.18 16.40
N LYS A 283 -2.11 -20.33 16.01
CA LYS A 283 -2.90 -21.40 15.44
C LYS A 283 -3.94 -21.93 16.41
N LEU A 284 -3.75 -21.73 17.72
CA LEU A 284 -4.73 -22.15 18.70
C LEU A 284 -5.99 -21.30 18.67
N LEU A 285 -5.94 -20.13 18.03
CA LEU A 285 -7.07 -19.22 17.97
C LEU A 285 -7.94 -19.44 16.74
N ARG A 286 -7.63 -20.46 15.93
CA ARG A 286 -8.38 -20.72 14.71
C ARG A 286 -9.54 -21.65 15.03
N GLY A 287 -10.75 -21.22 14.67
CA GLY A 287 -11.94 -22.02 14.87
C GLY A 287 -12.60 -21.86 16.22
N THR A 288 -11.93 -21.23 17.18
CA THR A 288 -12.51 -21.04 18.50
C THR A 288 -13.69 -20.07 18.42
N LYS A 289 -14.64 -20.23 19.34
CA LYS A 289 -15.85 -19.42 19.32
C LYS A 289 -15.94 -18.51 20.53
N ALA A 290 -15.85 -19.09 21.73
CA ALA A 290 -16.04 -18.30 22.95
C ALA A 290 -14.70 -17.89 23.54
N LEU A 291 -14.62 -16.63 23.97
CA LEU A 291 -13.39 -16.12 24.57
C LEU A 291 -13.06 -16.81 25.90
N THR A 292 -14.03 -17.44 26.54
CA THR A 292 -13.80 -18.15 27.80
C THR A 292 -13.56 -19.64 27.59
N GLU A 293 -13.52 -20.10 26.35
CA GLU A 293 -13.31 -21.52 26.09
C GLU A 293 -11.85 -21.89 26.34
N VAL A 294 -11.63 -22.94 27.12
CA VAL A 294 -10.28 -23.35 27.49
C VAL A 294 -9.67 -24.14 26.34
N ILE A 295 -8.53 -23.68 25.85
CA ILE A 295 -7.80 -24.30 24.75
C ILE A 295 -6.58 -25.00 25.34
N PRO A 296 -6.49 -26.33 25.26
CA PRO A 296 -5.25 -27.00 25.67
C PRO A 296 -4.13 -26.73 24.69
N LEU A 297 -2.91 -26.64 25.22
CA LEU A 297 -1.75 -26.43 24.36
C LEU A 297 -1.42 -27.69 23.58
N THR A 298 -0.92 -27.52 22.36
CA THR A 298 -0.81 -28.61 21.39
C THR A 298 0.61 -29.15 21.26
N GLU A 299 1.48 -28.86 22.24
CA GLU A 299 2.83 -29.41 22.31
C GLU A 299 3.72 -28.77 21.24
N GLU A 300 3.12 -28.02 20.32
CA GLU A 300 3.85 -27.09 19.46
C GLU A 300 3.79 -25.67 19.99
N ALA A 301 2.65 -25.29 20.56
CA ALA A 301 2.55 -24.01 21.24
C ALA A 301 3.33 -24.04 22.55
N GLU A 302 3.50 -25.22 23.14
CA GLU A 302 4.27 -25.33 24.37
C GLU A 302 5.75 -25.08 24.11
N LEU A 303 6.29 -25.68 23.05
CA LEU A 303 7.69 -25.43 22.70
C LEU A 303 7.91 -23.97 22.34
N GLU A 304 6.99 -23.39 21.57
CA GLU A 304 7.12 -21.97 21.21
C GLU A 304 7.06 -21.09 22.45
N LEU A 305 6.15 -21.40 23.38
CA LEU A 305 6.06 -20.63 24.62
C LEU A 305 7.33 -20.75 25.44
N ALA A 306 7.90 -21.95 25.51
CA ALA A 306 9.15 -22.13 26.25
C ALA A 306 10.27 -21.34 25.61
N GLU A 307 10.37 -21.37 24.28
CA GLU A 307 11.40 -20.61 23.59
C GLU A 307 11.24 -19.11 23.81
N ASN A 308 10.00 -18.61 23.75
CA ASN A 308 9.76 -17.20 23.98
C ASN A 308 10.11 -16.79 25.40
N ARG A 309 9.77 -17.65 26.37
CA ARG A 309 10.12 -17.37 27.75
C ARG A 309 11.64 -17.33 27.93
N GLU A 310 12.35 -18.27 27.31
CA GLU A 310 13.80 -18.28 27.39
C GLU A 310 14.40 -17.04 26.76
N ILE A 311 13.82 -16.59 25.64
CA ILE A 311 14.29 -15.35 25.01
C ILE A 311 14.06 -14.16 25.94
N LEU A 312 12.89 -14.09 26.54
CA LEU A 312 12.55 -12.97 27.42
C LEU A 312 13.30 -12.99 28.73
N LYS A 313 13.93 -14.12 29.09
CA LYS A 313 14.66 -14.18 30.35
C LYS A 313 15.81 -13.18 30.38
N GLU A 314 16.58 -13.10 29.30
CA GLU A 314 17.77 -12.25 29.27
C GLU A 314 17.39 -10.82 28.89
N PRO A 315 17.81 -9.83 29.67
CA PRO A 315 17.47 -8.44 29.32
C PRO A 315 18.23 -7.98 28.09
N VAL A 316 17.50 -7.34 27.17
CA VAL A 316 18.08 -6.82 25.95
C VAL A 316 17.78 -5.33 25.87
N HIS A 317 18.53 -4.63 25.01
CA HIS A 317 18.37 -3.20 24.84
C HIS A 317 18.62 -2.85 23.38
N GLY A 318 18.04 -1.73 22.96
CA GLY A 318 18.35 -1.13 21.68
C GLY A 318 19.26 0.07 21.84
N VAL A 319 19.86 0.47 20.73
CA VAL A 319 20.72 1.64 20.70
C VAL A 319 19.99 2.77 20.01
N TYR A 320 20.58 3.96 20.06
CA TYR A 320 19.99 5.13 19.46
C TYR A 320 20.53 5.31 18.04
N TYR A 321 19.72 5.98 17.22
CA TYR A 321 20.07 6.18 15.82
C TYR A 321 21.28 7.09 15.68
N ASP A 322 22.19 6.71 14.80
CA ASP A 322 23.33 7.56 14.43
C ASP A 322 23.19 7.93 12.96
N PRO A 323 22.74 9.15 12.64
CA PRO A 323 22.50 9.50 11.23
C PRO A 323 23.75 9.50 10.36
N SER A 324 24.93 9.54 10.96
CA SER A 324 26.17 9.55 10.18
C SER A 324 26.64 8.17 9.77
N LYS A 325 25.93 7.11 10.17
CA LYS A 325 26.28 5.74 9.82
C LYS A 325 25.17 5.14 8.96
N ASP A 326 25.31 3.85 8.66
CA ASP A 326 24.43 3.17 7.71
C ASP A 326 23.48 2.23 8.44
N LEU A 327 22.25 2.15 7.94
CA LEU A 327 21.26 1.23 8.45
C LEU A 327 21.39 -0.12 7.75
N ILE A 328 21.44 -1.20 8.53
CA ILE A 328 21.59 -2.55 8.01
C ILE A 328 20.51 -3.41 8.63
N ALA A 329 19.73 -4.10 7.79
CA ALA A 329 18.69 -5.00 8.25
C ALA A 329 19.05 -6.42 7.83
N GLU A 330 19.27 -7.29 8.81
CA GLU A 330 19.57 -8.70 8.57
C GLU A 330 18.30 -9.51 8.74
N ILE A 331 18.03 -10.38 7.78
CA ILE A 331 16.84 -11.24 7.80
C ILE A 331 17.26 -12.69 7.97
N GLN A 332 16.55 -13.41 8.83
CA GLN A 332 16.75 -14.83 9.03
C GLN A 332 15.42 -15.57 8.91
N LYS A 333 15.47 -16.75 8.32
CA LYS A 333 14.32 -17.62 8.23
C LYS A 333 14.20 -18.47 9.48
N GLN A 334 12.96 -18.80 9.87
CA GLN A 334 12.72 -19.64 11.02
C GLN A 334 11.85 -20.86 10.73
N GLY A 335 11.26 -20.95 9.55
CA GLY A 335 10.45 -22.09 9.21
C GLY A 335 8.97 -21.80 9.38
N GLN A 336 8.15 -22.52 8.61
CA GLN A 336 6.69 -22.38 8.64
C GLN A 336 6.27 -20.94 8.33
N GLY A 337 6.98 -20.31 7.41
CA GLY A 337 6.62 -18.97 7.00
C GLY A 337 6.94 -17.89 8.01
N GLN A 338 7.92 -18.11 8.88
CA GLN A 338 8.29 -17.14 9.91
C GLN A 338 9.67 -16.58 9.61
N TRP A 339 9.85 -15.29 9.84
CA TRP A 339 11.11 -14.62 9.62
C TRP A 339 11.39 -13.66 10.76
N THR A 340 12.64 -13.55 11.16
CA THR A 340 13.07 -12.51 12.06
C THR A 340 14.00 -11.54 11.34
N TYR A 341 14.10 -10.34 11.88
CA TYR A 341 15.01 -9.36 11.31
C TYR A 341 15.55 -8.48 12.43
N GLN A 342 16.77 -8.00 12.21
CA GLN A 342 17.43 -7.08 13.12
C GLN A 342 17.92 -5.89 12.32
N ILE A 343 17.58 -4.68 12.78
CA ILE A 343 18.06 -3.45 12.19
C ILE A 343 19.10 -2.87 13.13
N TYR A 344 20.30 -2.65 12.61
CA TYR A 344 21.43 -2.19 13.39
C TYR A 344 22.33 -1.35 12.50
N GLN A 345 23.18 -0.54 13.13
CA GLN A 345 24.20 0.21 12.42
C GLN A 345 25.60 -0.33 12.68
N GLU A 346 25.84 -0.83 13.86
CA GLU A 346 27.06 -1.54 14.21
C GLU A 346 26.72 -3.00 14.50
N PRO A 347 27.64 -3.93 14.23
CA PRO A 347 27.35 -5.34 14.49
C PRO A 347 27.06 -5.60 15.97
N PHE A 348 26.03 -6.39 16.21
CA PHE A 348 25.58 -6.80 17.54
C PHE A 348 25.08 -5.65 18.39
N LYS A 349 24.75 -4.51 17.79
CA LYS A 349 24.16 -3.37 18.48
C LYS A 349 22.85 -3.05 17.77
N ASN A 350 21.78 -3.75 18.16
CA ASN A 350 20.52 -3.64 17.43
C ASN A 350 19.85 -2.32 17.71
N LEU A 351 19.48 -1.60 16.65
CA LEU A 351 18.53 -0.51 16.81
C LEU A 351 17.13 -1.05 17.07
N LYS A 352 16.73 -2.06 16.30
CA LYS A 352 15.39 -2.60 16.40
C LYS A 352 15.43 -4.08 16.02
N THR A 353 14.39 -4.80 16.43
CA THR A 353 14.22 -6.19 16.07
C THR A 353 12.76 -6.38 15.67
N GLY A 354 12.50 -7.40 14.88
CA GLY A 354 11.11 -7.65 14.52
C GLY A 354 10.96 -9.01 13.88
N LYS A 355 9.70 -9.32 13.55
CA LYS A 355 9.37 -10.57 12.90
C LYS A 355 8.32 -10.32 11.82
N TYR A 356 8.27 -11.24 10.87
CA TYR A 356 7.25 -11.26 9.83
C TYR A 356 6.74 -12.68 9.70
N ALA A 357 5.44 -12.87 9.88
CA ALA A 357 4.86 -14.21 9.79
C ALA A 357 3.53 -14.20 9.05
N ARG A 358 3.24 -13.17 8.27
CA ARG A 358 1.99 -13.10 7.55
C ARG A 358 1.93 -14.17 6.47
N MET A 359 0.79 -14.86 6.39
CA MET A 359 0.57 -15.89 5.39
C MET A 359 -0.36 -15.30 4.33
N ARG A 360 0.23 -14.60 3.37
CA ARG A 360 -0.53 -13.97 2.30
C ARG A 360 -0.60 -14.91 1.11
N GLY A 361 -1.82 -15.23 0.70
CA GLY A 361 -2.00 -16.11 -0.44
C GLY A 361 -2.14 -17.57 -0.04
N ALA A 362 -2.87 -18.31 -0.88
CA ALA A 362 -3.07 -19.73 -0.60
C ALA A 362 -1.79 -20.52 -0.83
N HIS A 363 -1.02 -20.16 -1.86
CA HIS A 363 0.22 -20.85 -2.20
C HIS A 363 1.34 -19.84 -2.33
N THR A 364 2.46 -20.11 -1.67
CA THR A 364 3.61 -19.21 -1.71
C THR A 364 4.88 -20.04 -1.62
N ASN A 365 6.01 -19.39 -1.87
CA ASN A 365 7.32 -19.97 -1.67
C ASN A 365 8.12 -19.05 -0.75
N ASP A 366 9.37 -19.45 -0.48
CA ASP A 366 10.21 -18.67 0.43
C ASP A 366 10.60 -17.33 -0.16
N VAL A 367 10.79 -17.25 -1.48
CA VAL A 367 11.23 -16.00 -2.08
C VAL A 367 10.16 -14.94 -1.97
N LYS A 368 8.90 -15.30 -2.21
CA LYS A 368 7.81 -14.33 -2.10
C LYS A 368 7.68 -13.83 -0.66
N GLN A 369 7.78 -14.73 0.30
CA GLN A 369 7.68 -14.34 1.70
C GLN A 369 8.86 -13.44 2.10
N LEU A 370 10.05 -13.74 1.61
CA LEU A 370 11.20 -12.89 1.88
C LEU A 370 11.02 -11.51 1.28
N THR A 371 10.45 -11.43 0.08
CA THR A 371 10.16 -10.13 -0.52
C THR A 371 9.15 -9.36 0.30
N GLU A 372 8.11 -10.05 0.79
CA GLU A 372 7.11 -9.38 1.63
C GLU A 372 7.74 -8.88 2.93
N ALA A 373 8.61 -9.67 3.54
CA ALA A 373 9.31 -9.24 4.74
C ALA A 373 10.20 -8.03 4.46
N VAL A 374 10.87 -8.03 3.31
CA VAL A 374 11.69 -6.89 2.94
C VAL A 374 10.84 -5.64 2.78
N GLN A 375 9.66 -5.78 2.17
CA GLN A 375 8.77 -4.62 2.02
C GLN A 375 8.31 -4.10 3.37
N LYS A 376 7.96 -5.00 4.29
CA LYS A 376 7.53 -4.58 5.62
C LYS A 376 8.65 -3.86 6.35
N ILE A 377 9.86 -4.41 6.29
CA ILE A 377 11.00 -3.76 6.94
C ILE A 377 11.28 -2.41 6.31
N THR A 378 11.16 -2.32 4.99
CA THR A 378 11.42 -1.07 4.29
C THR A 378 10.44 0.02 4.73
N THR A 379 9.15 -0.31 4.78
CA THR A 379 8.17 0.71 5.15
C THR A 379 8.33 1.10 6.62
N GLU A 380 8.63 0.13 7.50
CA GLU A 380 8.83 0.48 8.90
C GLU A 380 10.08 1.34 9.08
N SER A 381 11.14 1.05 8.34
CA SER A 381 12.36 1.85 8.43
C SER A 381 12.15 3.25 7.88
N ILE A 382 11.36 3.36 6.81
CA ILE A 382 11.03 4.69 6.29
C ILE A 382 10.24 5.47 7.32
N VAL A 383 9.33 4.81 8.03
CA VAL A 383 8.57 5.49 9.08
C VAL A 383 9.50 5.97 10.19
N ILE A 384 10.41 5.11 10.64
CA ILE A 384 11.15 5.41 11.86
C ILE A 384 12.33 6.33 11.59
N TRP A 385 13.14 6.02 10.57
CA TRP A 385 14.35 6.77 10.31
C TRP A 385 14.29 7.62 9.04
N GLY A 386 13.24 7.49 8.24
CA GLY A 386 13.15 8.28 7.04
C GLY A 386 14.04 7.81 5.91
N LYS A 387 14.57 6.60 5.99
CA LYS A 387 15.44 6.07 4.96
C LYS A 387 15.32 4.55 4.94
N THR A 388 15.69 3.96 3.81
CA THR A 388 15.63 2.51 3.73
C THR A 388 16.99 1.91 4.06
N PRO A 389 17.04 0.76 4.73
CA PRO A 389 18.31 0.16 5.12
C PRO A 389 18.90 -0.69 4.01
N LYS A 390 20.18 -1.03 4.19
CA LYS A 390 20.84 -2.02 3.35
C LYS A 390 20.54 -3.40 3.91
N PHE A 391 20.12 -4.32 3.05
CA PHE A 391 19.63 -5.60 3.50
C PHE A 391 20.72 -6.67 3.43
N LYS A 392 20.68 -7.60 4.38
CA LYS A 392 21.48 -8.80 4.37
C LYS A 392 20.53 -9.98 4.43
N LEU A 393 20.38 -10.66 3.30
CA LEU A 393 19.38 -11.68 3.08
C LEU A 393 20.03 -13.05 2.92
N PRO A 394 19.40 -14.10 3.41
CA PRO A 394 19.92 -15.47 3.25
C PRO A 394 19.52 -16.10 1.92
N ILE A 395 19.67 -15.35 0.84
CA ILE A 395 19.33 -15.82 -0.50
C ILE A 395 20.51 -15.50 -1.42
N GLN A 396 20.88 -16.46 -2.24
CA GLN A 396 21.98 -16.26 -3.17
C GLN A 396 21.58 -15.25 -4.24
N LYS A 397 22.58 -14.51 -4.73
CA LYS A 397 22.32 -13.56 -5.81
C LYS A 397 21.82 -14.29 -7.05
N GLU A 398 22.34 -15.49 -7.32
CA GLU A 398 21.90 -16.27 -8.46
C GLU A 398 20.44 -16.69 -8.31
N THR A 399 20.05 -17.12 -7.10
CA THR A 399 18.67 -17.54 -6.87
C THR A 399 17.70 -16.40 -7.09
N TRP A 400 18.01 -15.23 -6.50
CA TRP A 400 17.14 -14.07 -6.69
C TRP A 400 17.10 -13.62 -8.14
N GLU A 401 18.26 -13.68 -8.83
CA GLU A 401 18.30 -13.33 -10.24
C GLU A 401 17.38 -14.23 -11.05
N THR A 402 17.49 -15.55 -10.85
CA THR A 402 16.63 -16.48 -11.56
C THR A 402 15.17 -16.22 -11.27
N TRP A 403 14.83 -16.02 -9.99
CA TRP A 403 13.43 -15.81 -9.64
C TRP A 403 12.88 -14.55 -10.27
N TRP A 404 13.55 -13.41 -10.10
CA TRP A 404 13.00 -12.16 -10.57
C TRP A 404 13.08 -12.00 -12.08
N THR A 405 13.93 -12.78 -12.76
CA THR A 405 13.91 -12.73 -14.22
C THR A 405 12.89 -13.68 -14.81
N GLU A 406 12.60 -14.80 -14.15
CA GLU A 406 11.62 -15.74 -14.67
C GLU A 406 10.20 -15.50 -14.17
N TYR A 407 10.01 -14.59 -13.22
CA TYR A 407 8.68 -14.37 -12.64
C TYR A 407 7.88 -13.41 -13.48
N TRP A 408 6.57 -13.64 -13.55
CA TRP A 408 5.69 -12.82 -14.38
C TRP A 408 5.33 -11.49 -13.74
N GLN A 409 5.55 -11.33 -12.45
CA GLN A 409 5.29 -10.08 -11.75
C GLN A 409 6.56 -9.27 -11.62
N ALA A 410 6.39 -7.96 -11.44
CA ALA A 410 7.51 -7.08 -11.16
C ALA A 410 7.88 -7.21 -9.69
N THR A 411 9.11 -7.63 -9.43
CA THR A 411 9.61 -7.77 -8.06
C THR A 411 10.95 -7.09 -7.94
N TRP A 412 11.20 -6.49 -6.78
CA TRP A 412 12.46 -5.83 -6.52
C TRP A 412 12.80 -5.92 -5.05
N ILE A 413 14.11 -5.93 -4.77
CA ILE A 413 14.63 -5.81 -3.41
C ILE A 413 15.69 -4.71 -3.45
N PRO A 414 15.64 -3.73 -2.53
CA PRO A 414 16.64 -2.67 -2.56
C PRO A 414 18.05 -3.19 -2.30
N GLU A 415 19.04 -2.30 -2.30
CA GLU A 415 20.44 -2.70 -2.20
C GLU A 415 20.64 -3.71 -1.08
N TRP A 416 21.06 -4.92 -1.45
CA TRP A 416 21.16 -6.01 -0.51
C TRP A 416 22.41 -6.82 -0.81
N GLU A 417 22.83 -7.59 0.19
CA GLU A 417 24.04 -8.40 0.11
C GLU A 417 23.74 -9.78 0.69
N PHE A 418 24.28 -10.81 0.04
CA PHE A 418 24.06 -12.17 0.51
C PHE A 418 24.85 -12.44 1.78
N VAL A 419 24.18 -13.07 2.75
CA VAL A 419 24.80 -13.50 3.99
C VAL A 419 24.60 -15.01 4.13
N ASN A 420 25.67 -15.73 4.40
CA ASN A 420 25.64 -17.19 4.40
C ASN A 420 25.25 -17.69 5.79
N THR A 421 23.95 -17.61 6.07
CA THR A 421 23.39 -18.15 7.31
C THR A 421 22.69 -19.46 6.98
N PRO A 422 22.98 -20.54 7.69
CA PRO A 422 22.72 -21.91 7.18
C PRO A 422 21.32 -22.10 6.59
N PRO A 423 20.24 -21.63 7.26
CA PRO A 423 18.92 -21.78 6.63
C PRO A 423 18.73 -20.83 5.46
N LEU A 424 19.29 -21.19 4.31
CA LEU A 424 19.27 -20.34 3.12
C LEU A 424 17.92 -20.41 2.42
N VAL A 425 17.65 -19.39 1.61
CA VAL A 425 16.40 -19.30 0.85
C VAL A 425 16.69 -19.73 -0.58
N LYS A 426 15.91 -20.71 -1.06
CA LYS A 426 16.13 -21.27 -2.38
C LYS A 426 14.81 -21.73 -2.97
N LEU A 427 14.79 -21.86 -4.29
CA LEU A 427 13.66 -22.44 -5.00
C LEU A 427 13.86 -23.94 -5.12
N TRP A 428 12.85 -24.71 -4.70
CA TRP A 428 13.04 -26.14 -4.52
C TRP A 428 12.90 -26.94 -5.82
N TYR A 429 12.33 -26.34 -6.87
CA TYR A 429 12.25 -27.02 -8.15
C TYR A 429 12.13 -25.98 -9.25
N GLN A 430 12.47 -26.39 -10.46
CA GLN A 430 12.43 -25.53 -11.63
C GLN A 430 11.68 -26.24 -12.75
N LEU A 431 10.75 -25.53 -13.38
CA LEU A 431 10.00 -26.05 -14.51
C LEU A 431 10.80 -25.84 -15.79
N GLU A 432 10.93 -26.91 -16.58
CA GLU A 432 11.70 -26.83 -17.81
C GLU A 432 11.04 -25.88 -18.81
N LYS A 433 11.87 -25.11 -19.51
CA LYS A 433 11.36 -24.19 -20.52
C LYS A 433 11.05 -24.88 -21.84
N GLU A 434 11.61 -26.07 -22.07
CA GLU A 434 11.40 -26.82 -23.30
C GLU A 434 11.04 -28.26 -22.96
N PRO A 435 10.31 -28.95 -23.83
CA PRO A 435 9.96 -30.35 -23.57
C PRO A 435 11.20 -31.22 -23.54
N ILE A 436 11.11 -32.30 -22.78
CA ILE A 436 12.24 -33.21 -22.54
C ILE A 436 12.16 -34.34 -23.55
N VAL A 437 13.24 -34.54 -24.30
CA VAL A 437 13.31 -35.66 -25.24
C VAL A 437 13.54 -36.94 -24.46
N GLY A 438 13.01 -38.05 -24.99
CA GLY A 438 13.15 -39.33 -24.36
C GLY A 438 12.30 -39.54 -23.13
N ALA A 439 11.82 -38.47 -22.50
CA ALA A 439 10.97 -38.60 -21.33
C ALA A 439 9.56 -38.95 -21.73
N GLU A 440 8.81 -39.52 -20.79
CA GLU A 440 7.44 -39.93 -21.05
C GLU A 440 6.52 -38.73 -21.00
N THR A 441 5.52 -38.73 -21.88
CA THR A 441 4.58 -37.63 -22.01
C THR A 441 3.20 -38.07 -21.52
N PHE A 442 2.64 -37.29 -20.61
CA PHE A 442 1.32 -37.53 -20.04
C PHE A 442 0.38 -36.45 -20.50
N TYR A 443 -0.82 -36.85 -20.93
CA TYR A 443 -1.91 -35.94 -21.26
C TYR A 443 -2.94 -36.13 -20.17
N VAL A 444 -2.96 -35.21 -19.21
CA VAL A 444 -3.77 -35.35 -18.02
C VAL A 444 -5.06 -34.56 -18.19
N ASP A 445 -6.11 -35.00 -17.52
CA ASP A 445 -7.42 -34.40 -17.67
C ASP A 445 -8.24 -34.70 -16.43
N GLY A 446 -9.11 -33.76 -16.08
CA GLY A 446 -9.95 -33.93 -14.91
C GLY A 446 -11.27 -33.23 -15.05
N ALA A 447 -12.36 -33.92 -14.73
CA ALA A 447 -13.68 -33.34 -14.84
C ALA A 447 -14.47 -33.65 -13.58
N ALA A 448 -15.50 -32.85 -13.34
CA ALA A 448 -16.37 -33.06 -12.20
C ALA A 448 -17.69 -32.34 -12.45
N ASN A 449 -18.80 -33.02 -12.15
CA ASN A 449 -20.11 -32.43 -12.32
C ASN A 449 -20.43 -31.53 -11.14
N ARG A 450 -20.92 -30.33 -11.41
CA ARG A 450 -21.17 -29.36 -10.34
C ARG A 450 -22.54 -29.56 -9.71
N GLU A 451 -23.12 -30.75 -9.91
CA GLU A 451 -24.40 -31.09 -9.29
C GLU A 451 -24.23 -32.22 -8.30
N THR A 452 -23.55 -33.30 -8.71
CA THR A 452 -23.35 -34.43 -7.82
C THR A 452 -22.07 -34.33 -7.01
N LYS A 453 -21.24 -33.32 -7.26
CA LYS A 453 -19.96 -33.14 -6.55
C LYS A 453 -19.08 -34.38 -6.68
N LEU A 454 -19.05 -34.95 -7.88
CA LEU A 454 -18.20 -36.10 -8.17
C LEU A 454 -17.55 -35.92 -9.52
N GLY A 455 -16.37 -36.51 -9.68
CA GLY A 455 -15.63 -36.38 -10.90
C GLY A 455 -14.63 -37.50 -11.07
N LYS A 456 -13.71 -37.30 -12.02
CA LYS A 456 -12.69 -38.27 -12.36
C LYS A 456 -11.47 -37.57 -12.96
N ALA A 457 -10.35 -38.29 -12.97
CA ALA A 457 -9.09 -37.73 -13.48
C ALA A 457 -8.16 -38.80 -14.04
N GLY A 458 -7.46 -38.49 -15.13
CA GLY A 458 -6.59 -39.43 -15.80
C GLY A 458 -5.35 -38.82 -16.43
N TYR A 459 -4.43 -39.66 -16.91
CA TYR A 459 -3.13 -39.18 -17.37
C TYR A 459 -2.68 -39.89 -18.66
N VAL A 460 -3.58 -39.99 -19.65
CA VAL A 460 -3.34 -40.87 -20.80
C VAL A 460 -1.96 -40.61 -21.39
N THR A 461 -1.18 -41.68 -21.56
CA THR A 461 0.22 -41.57 -21.92
C THR A 461 0.44 -41.95 -23.38
N ASN A 462 1.44 -41.30 -24.00
CA ASN A 462 1.76 -41.57 -25.39
C ASN A 462 2.21 -43.01 -25.64
N LYS A 463 2.72 -43.69 -24.61
CA LYS A 463 3.19 -45.05 -24.75
C LYS A 463 2.11 -46.08 -24.43
N GLY A 464 0.86 -45.67 -24.35
CA GLY A 464 -0.26 -46.55 -24.16
C GLY A 464 -0.76 -46.65 -22.72
N ARG A 465 0.05 -46.25 -21.75
CA ARG A 465 -0.37 -46.32 -20.36
C ARG A 465 -1.50 -45.34 -20.09
N GLN A 466 -2.44 -45.74 -19.25
CA GLN A 466 -3.53 -44.86 -18.87
C GLN A 466 -4.10 -45.34 -17.54
N LYS A 467 -4.75 -44.41 -16.84
CA LYS A 467 -5.40 -44.73 -15.56
C LYS A 467 -6.37 -43.61 -15.24
N VAL A 468 -7.60 -43.97 -14.90
CA VAL A 468 -8.63 -43.02 -14.51
C VAL A 468 -9.04 -43.32 -13.08
N VAL A 469 -9.03 -42.29 -12.23
CA VAL A 469 -9.43 -42.45 -10.83
C VAL A 469 -10.69 -41.64 -10.59
N PRO A 470 -11.63 -42.18 -9.83
CA PRO A 470 -12.82 -41.40 -9.44
C PRO A 470 -12.54 -40.57 -8.20
N LEU A 471 -13.24 -39.44 -8.11
CA LEU A 471 -13.02 -38.47 -7.05
C LEU A 471 -14.37 -38.03 -6.49
N THR A 472 -14.46 -37.97 -5.16
CA THR A 472 -15.69 -37.64 -4.47
C THR A 472 -15.54 -36.30 -3.76
N ASN A 473 -16.62 -35.51 -3.75
CA ASN A 473 -16.69 -34.23 -3.06
C ASN A 473 -15.68 -33.23 -3.63
N THR A 474 -15.20 -33.49 -4.83
CA THR A 474 -14.21 -32.62 -5.46
C THR A 474 -14.83 -31.79 -6.56
N THR A 475 -14.23 -30.63 -6.82
CA THR A 475 -14.65 -29.74 -7.88
C THR A 475 -13.77 -29.95 -9.11
N ASN A 476 -14.05 -29.18 -10.16
CA ASN A 476 -13.30 -29.32 -11.41
C ASN A 476 -11.83 -28.98 -11.22
N GLN A 477 -11.56 -27.88 -10.50
CA GLN A 477 -10.18 -27.49 -10.24
C GLN A 477 -9.44 -28.55 -9.44
N LYS A 478 -10.09 -29.10 -8.42
CA LYS A 478 -9.47 -30.17 -7.64
C LYS A 478 -9.20 -31.39 -8.51
N THR A 479 -10.10 -31.69 -9.45
CA THR A 479 -9.86 -32.83 -10.33
C THR A 479 -8.67 -32.58 -11.25
N GLU A 480 -8.51 -31.35 -11.75
CA GLU A 480 -7.36 -31.06 -12.59
C GLU A 480 -6.05 -31.16 -11.80
N LEU A 481 -6.04 -30.63 -10.57
CA LEU A 481 -4.86 -30.75 -9.73
C LEU A 481 -4.55 -32.22 -9.43
N GLN A 482 -5.59 -33.01 -9.15
CA GLN A 482 -5.40 -34.42 -8.89
C GLN A 482 -4.90 -35.16 -10.12
N ALA A 483 -5.32 -34.75 -11.31
CA ALA A 483 -4.80 -35.36 -12.53
C ALA A 483 -3.32 -35.07 -12.71
N ILE A 484 -2.90 -33.84 -12.42
CA ILE A 484 -1.47 -33.53 -12.47
C ILE A 484 -0.71 -34.34 -11.42
N TYR A 485 -1.31 -34.49 -10.24
CA TYR A 485 -0.69 -35.32 -9.21
C TYR A 485 -0.55 -36.77 -9.68
N LEU A 486 -1.56 -37.28 -10.36
CA LEU A 486 -1.49 -38.62 -10.93
C LEU A 486 -0.33 -38.72 -11.92
N ALA A 487 -0.19 -37.71 -12.78
CA ALA A 487 0.92 -37.73 -13.73
C ALA A 487 2.26 -37.75 -13.02
N LEU A 488 2.39 -36.96 -11.95
CA LEU A 488 3.65 -36.93 -11.21
C LEU A 488 3.92 -38.25 -10.51
N GLN A 489 2.88 -38.91 -10.01
CA GLN A 489 3.07 -40.12 -9.22
C GLN A 489 3.63 -41.26 -10.05
N ASP A 490 3.00 -41.56 -11.20
CA ASP A 490 3.36 -42.72 -12.00
C ASP A 490 4.34 -42.41 -13.12
N SER A 491 5.24 -41.45 -12.91
CA SER A 491 6.25 -41.10 -13.90
C SER A 491 7.64 -41.32 -13.33
N GLY A 492 8.63 -41.29 -14.22
CA GLY A 492 10.01 -41.41 -13.83
C GLY A 492 10.56 -40.09 -13.35
N LEU A 493 11.90 -40.00 -13.31
CA LEU A 493 12.54 -38.78 -12.86
C LEU A 493 12.37 -37.63 -13.84
N GLU A 494 12.07 -37.93 -15.11
CA GLU A 494 11.84 -36.91 -16.13
C GLU A 494 10.48 -37.17 -16.76
N VAL A 495 9.67 -36.12 -16.91
CA VAL A 495 8.30 -36.27 -17.39
C VAL A 495 7.87 -34.98 -18.06
N ASN A 496 7.08 -35.11 -19.13
CA ASN A 496 6.40 -34.00 -19.77
C ASN A 496 4.91 -34.15 -19.47
N ILE A 497 4.27 -33.06 -19.07
CA ILE A 497 2.87 -33.08 -18.67
C ILE A 497 2.11 -32.03 -19.46
N VAL A 498 0.98 -32.43 -20.05
CA VAL A 498 0.12 -31.54 -20.83
C VAL A 498 -1.27 -31.58 -20.22
N THR A 499 -1.79 -30.41 -19.86
CA THR A 499 -3.09 -30.32 -19.20
C THR A 499 -3.91 -29.22 -19.86
N ASN A 500 -5.21 -29.24 -19.60
CA ASN A 500 -6.15 -28.25 -20.09
C ASN A 500 -6.61 -27.32 -18.97
N SER A 501 -5.79 -27.14 -17.95
CA SER A 501 -6.17 -26.38 -16.76
C SER A 501 -5.19 -25.23 -16.58
N GLN A 502 -5.65 -24.01 -16.85
CA GLN A 502 -4.84 -22.83 -16.57
C GLN A 502 -4.81 -22.48 -15.09
N TYR A 503 -5.75 -22.99 -14.30
CA TYR A 503 -5.70 -22.81 -12.86
C TYR A 503 -4.54 -23.58 -12.25
N ALA A 504 -4.40 -24.86 -12.63
CA ALA A 504 -3.29 -25.66 -12.16
C ALA A 504 -1.96 -25.12 -12.68
N LEU A 505 -1.93 -24.66 -13.93
CA LEU A 505 -0.72 -24.03 -14.45
C LEU A 505 -0.37 -22.78 -13.65
N GLY A 506 -1.36 -21.94 -13.35
CA GLY A 506 -1.09 -20.74 -12.58
C GLY A 506 -0.56 -21.05 -11.20
N ILE A 507 -1.07 -22.12 -10.58
CA ILE A 507 -0.57 -22.52 -9.27
C ILE A 507 0.87 -23.02 -9.39
N ILE A 508 1.14 -23.92 -10.33
CA ILE A 508 2.41 -24.63 -10.34
C ILE A 508 3.54 -23.74 -10.85
N GLN A 509 3.26 -22.91 -11.86
CA GLN A 509 4.31 -22.07 -12.45
C GLN A 509 4.85 -21.04 -11.47
N ALA A 510 4.10 -20.72 -10.42
CA ALA A 510 4.59 -19.83 -9.38
C ALA A 510 5.66 -20.47 -8.51
N GLN A 511 5.90 -21.77 -8.69
CA GLN A 511 6.85 -22.53 -7.88
C GLN A 511 6.60 -22.41 -6.38
N PRO A 512 5.40 -22.79 -5.91
CA PRO A 512 5.18 -22.79 -4.46
C PRO A 512 5.93 -23.94 -3.81
N ASP A 513 6.32 -23.73 -2.55
CA ASP A 513 6.83 -24.80 -1.71
C ASP A 513 5.93 -25.11 -0.52
N LYS A 514 4.96 -24.26 -0.24
CA LYS A 514 3.97 -24.51 0.81
C LYS A 514 2.63 -24.02 0.30
N SER A 515 1.56 -24.68 0.76
CA SER A 515 0.22 -24.34 0.31
C SER A 515 -0.77 -24.64 1.42
N GLU A 516 -1.93 -24.01 1.32
CA GLU A 516 -3.03 -24.28 2.24
C GLU A 516 -3.87 -25.47 1.81
N SER A 517 -3.54 -26.09 0.68
CA SER A 517 -4.22 -27.27 0.18
C SER A 517 -3.27 -28.45 0.22
N GLU A 518 -3.74 -29.58 0.75
CA GLU A 518 -2.88 -30.76 0.84
C GLU A 518 -2.56 -31.34 -0.52
N LEU A 519 -3.49 -31.22 -1.48
CA LEU A 519 -3.21 -31.70 -2.84
C LEU A 519 -2.04 -30.95 -3.45
N VAL A 520 -2.02 -29.62 -3.29
CA VAL A 520 -0.91 -28.84 -3.82
C VAL A 520 0.38 -29.18 -3.10
N ASN A 521 0.32 -29.48 -1.81
CA ASN A 521 1.52 -29.87 -1.07
C ASN A 521 2.07 -31.19 -1.57
N GLN A 522 1.20 -32.17 -1.84
CA GLN A 522 1.66 -33.43 -2.41
C GLN A 522 2.24 -33.24 -3.80
N ILE A 523 1.62 -32.38 -4.60
CA ILE A 523 2.17 -32.06 -5.91
C ILE A 523 3.55 -31.44 -5.77
N ILE A 524 3.74 -30.56 -4.79
CA ILE A 524 5.03 -29.92 -4.57
C ILE A 524 6.06 -30.96 -4.17
N GLU A 525 5.69 -31.90 -3.30
CA GLU A 525 6.61 -32.97 -2.91
C GLU A 525 7.06 -33.77 -4.13
N GLN A 526 6.10 -34.15 -4.98
CA GLN A 526 6.45 -34.92 -6.17
C GLN A 526 7.33 -34.11 -7.12
N LEU A 527 7.04 -32.81 -7.26
CA LEU A 527 7.85 -31.95 -8.12
C LEU A 527 9.29 -31.85 -7.61
N ILE A 528 9.45 -31.75 -6.29
CA ILE A 528 10.80 -31.72 -5.72
C ILE A 528 11.51 -33.03 -5.96
N LYS A 529 10.77 -34.15 -5.91
CA LYS A 529 11.39 -35.45 -6.13
C LYS A 529 11.93 -35.58 -7.55
N LYS A 530 11.23 -35.03 -8.54
CA LYS A 530 11.64 -35.18 -9.93
C LYS A 530 12.91 -34.39 -10.23
N GLU A 531 13.56 -34.72 -11.34
CA GLU A 531 14.73 -34.00 -11.82
C GLU A 531 14.39 -32.98 -12.90
N LYS A 532 13.62 -33.38 -13.92
CA LYS A 532 13.21 -32.47 -14.98
C LYS A 532 11.70 -32.61 -15.17
N VAL A 533 11.00 -31.50 -15.10
CA VAL A 533 9.55 -31.47 -15.30
C VAL A 533 9.21 -30.34 -16.25
N TYR A 534 8.46 -30.65 -17.30
CA TYR A 534 7.96 -29.66 -18.24
C TYR A 534 6.45 -29.67 -18.20
N LEU A 535 5.86 -28.50 -17.99
CA LEU A 535 4.41 -28.35 -17.91
C LEU A 535 3.91 -27.59 -19.12
N ALA A 536 2.93 -28.16 -19.82
CA ALA A 536 2.39 -27.58 -21.03
C ALA A 536 0.88 -27.46 -20.91
N TRP A 537 0.35 -26.32 -21.33
CA TRP A 537 -1.09 -26.10 -21.40
C TRP A 537 -1.59 -26.36 -22.81
N VAL A 538 -2.88 -26.66 -22.92
CA VAL A 538 -3.50 -26.92 -24.21
C VAL A 538 -4.98 -26.57 -24.13
N PRO A 539 -5.55 -25.94 -25.17
CA PRO A 539 -7.00 -25.69 -25.17
C PRO A 539 -7.79 -26.99 -25.06
N ALA A 540 -8.75 -27.02 -24.12
CA ALA A 540 -9.40 -28.27 -23.76
C ALA A 540 -10.20 -28.90 -24.91
N HIS A 541 -11.32 -28.28 -25.27
CA HIS A 541 -12.22 -28.93 -26.27
C HIS A 541 -11.92 -28.38 -27.65
N LYS A 542 -10.74 -28.64 -28.16
CA LYS A 542 -10.36 -28.13 -29.49
C LYS A 542 -9.69 -29.26 -30.26
N GLY A 543 -9.88 -30.51 -29.83
CA GLY A 543 -9.37 -31.63 -30.63
C GLY A 543 -7.90 -31.93 -30.45
N ILE A 544 -7.17 -31.11 -29.69
CA ILE A 544 -5.74 -31.47 -29.43
C ILE A 544 -5.74 -32.92 -28.95
N GLY A 545 -5.09 -33.80 -29.69
CA GLY A 545 -5.11 -35.24 -29.34
C GLY A 545 -4.48 -35.51 -27.99
N GLY A 546 -4.92 -36.57 -27.32
CA GLY A 546 -4.41 -36.88 -25.98
C GLY A 546 -5.33 -36.28 -24.95
N ASN A 547 -5.40 -34.96 -24.90
CA ASN A 547 -6.22 -34.29 -23.87
C ASN A 547 -7.66 -34.30 -24.36
N GLU A 548 -7.86 -34.75 -25.60
CA GLU A 548 -9.24 -34.88 -26.12
C GLU A 548 -9.33 -36.31 -26.65
N GLN A 549 -8.17 -36.94 -26.88
CA GLN A 549 -8.19 -38.36 -27.33
C GLN A 549 -8.90 -39.18 -26.25
N VAL A 550 -8.43 -39.12 -25.02
CA VAL A 550 -9.19 -39.82 -23.96
C VAL A 550 -9.43 -38.90 -22.76
N ASP A 551 -10.28 -37.88 -22.93
CA ASP A 551 -10.71 -37.05 -21.77
C ASP A 551 -12.10 -37.56 -21.48
N LYS A 552 -12.66 -38.31 -22.44
CA LYS A 552 -13.96 -38.96 -22.19
C LYS A 552 -13.72 -40.00 -21.09
N LEU A 553 -12.51 -40.58 -21.05
CA LEU A 553 -12.15 -41.55 -19.98
C LEU A 553 -12.56 -40.94 -18.65
N VAL A 554 -12.45 -39.62 -18.51
CA VAL A 554 -12.69 -38.90 -17.27
C VAL A 554 -13.81 -37.90 -17.47
N SER A 555 -14.64 -38.13 -18.49
CA SER A 555 -15.80 -37.29 -18.73
C SER A 555 -17.01 -38.13 -19.13
N VAL B 24 -14.36 30.64 -9.73
CA VAL B 24 -15.30 29.67 -10.27
C VAL B 24 -15.85 28.78 -9.15
N PRO B 25 -17.17 28.83 -8.95
CA PRO B 25 -17.78 28.04 -7.86
C PRO B 25 -17.87 26.56 -8.19
N VAL B 26 -16.80 25.81 -7.93
CA VAL B 26 -16.80 24.39 -8.21
C VAL B 26 -17.71 23.65 -7.23
N LYS B 27 -18.20 22.50 -7.66
CA LYS B 27 -19.02 21.62 -6.82
C LYS B 27 -18.57 20.18 -7.01
N LEU B 28 -18.86 19.36 -6.02
CA LEU B 28 -18.67 17.92 -6.13
C LEU B 28 -19.74 17.31 -7.02
N LYS B 29 -19.49 16.09 -7.47
CA LYS B 29 -20.50 15.34 -8.20
C LYS B 29 -21.68 15.06 -7.27
N PRO B 30 -22.92 15.05 -7.77
CA PRO B 30 -24.07 14.84 -6.89
C PRO B 30 -23.97 13.55 -6.09
N GLY B 31 -24.15 13.65 -4.78
CA GLY B 31 -24.08 12.49 -3.91
C GLY B 31 -22.69 12.09 -3.47
N MET B 32 -21.68 12.91 -3.75
CA MET B 32 -20.31 12.62 -3.36
C MET B 32 -19.95 13.32 -2.05
N ASP B 33 -19.00 12.74 -1.33
CA ASP B 33 -18.63 13.25 -0.02
C ASP B 33 -17.35 14.07 -0.08
N GLY B 34 -16.26 13.48 -0.55
CA GLY B 34 -14.97 14.12 -0.55
C GLY B 34 -13.86 13.14 -0.24
N PRO B 35 -12.63 13.49 -0.65
CA PRO B 35 -11.51 12.56 -0.47
C PRO B 35 -11.15 12.39 0.99
N LYS B 36 -10.92 11.13 1.40
CA LYS B 36 -10.54 10.82 2.77
C LYS B 36 -9.41 9.79 2.76
N VAL B 37 -8.40 10.04 1.95
CA VAL B 37 -7.28 9.11 1.77
C VAL B 37 -6.19 9.42 2.77
N LYS B 38 -5.63 8.37 3.38
CA LYS B 38 -4.58 8.54 4.37
C LYS B 38 -3.25 8.85 3.70
N GLN B 39 -2.38 9.50 4.45
CA GLN B 39 -1.05 9.84 3.97
C GLN B 39 -0.12 8.64 4.13
N TRP B 40 0.63 8.33 3.09
CA TRP B 40 1.61 7.27 3.23
C TRP B 40 2.94 7.81 3.75
N PRO B 41 3.75 6.98 4.41
CA PRO B 41 5.02 7.47 4.95
C PRO B 41 5.98 7.89 3.85
N LEU B 42 6.84 8.85 4.18
CA LEU B 42 7.78 9.43 3.24
C LEU B 42 9.19 9.36 3.80
N THR B 43 10.16 9.40 2.90
CA THR B 43 11.56 9.42 3.30
C THR B 43 11.94 10.78 3.86
N GLU B 44 13.10 10.83 4.52
CA GLU B 44 13.51 12.06 5.19
C GLU B 44 13.74 13.20 4.20
N GLU B 45 14.39 12.90 3.07
CA GLU B 45 14.63 13.96 2.09
C GLU B 45 13.32 14.49 1.51
N LYS B 46 12.38 13.58 1.22
CA LYS B 46 11.08 14.01 0.73
C LYS B 46 10.36 14.88 1.75
N ILE B 47 10.42 14.50 3.03
CA ILE B 47 9.73 15.27 4.06
C ILE B 47 10.37 16.64 4.22
N LYS B 48 11.70 16.71 4.19
CA LYS B 48 12.38 18.00 4.30
C LYS B 48 12.03 18.90 3.13
N ALA B 49 12.04 18.34 1.91
CA ALA B 49 11.67 19.12 0.74
C ALA B 49 10.23 19.60 0.84
N LEU B 50 9.32 18.74 1.27
CA LEU B 50 7.93 19.13 1.42
C LEU B 50 7.77 20.22 2.46
N VAL B 51 8.51 20.13 3.57
CA VAL B 51 8.40 21.14 4.62
C VAL B 51 8.88 22.49 4.10
N GLU B 52 10.02 22.50 3.39
CA GLU B 52 10.51 23.75 2.84
C GLU B 52 9.54 24.34 1.82
N ILE B 53 9.04 23.49 0.92
CA ILE B 53 8.13 23.94 -0.13
C ILE B 53 6.84 24.49 0.47
N CYS B 54 6.29 23.79 1.47
CA CYS B 54 5.04 24.22 2.06
C CYS B 54 5.21 25.46 2.93
N THR B 55 6.36 25.61 3.57
CA THR B 55 6.64 26.87 4.27
C THR B 55 6.66 28.03 3.29
N GLU B 56 7.33 27.86 2.15
CA GLU B 56 7.36 28.92 1.15
C GLU B 56 5.97 29.20 0.60
N MET B 57 5.19 28.15 0.35
CA MET B 57 3.84 28.34 -0.17
C MET B 57 2.95 29.06 0.84
N GLU B 58 3.06 28.70 2.11
CA GLU B 58 2.27 29.36 3.15
C GLU B 58 2.69 30.80 3.33
N LYS B 59 3.97 31.12 3.08
CA LYS B 59 4.42 32.50 3.19
C LYS B 59 3.69 33.40 2.20
N GLU B 60 3.44 32.89 0.99
CA GLU B 60 2.77 33.68 -0.05
C GLU B 60 1.29 33.38 -0.16
N GLY B 61 0.72 32.65 0.80
CA GLY B 61 -0.71 32.45 0.84
C GLY B 61 -1.28 31.43 -0.11
N LYS B 62 -0.42 30.66 -0.79
CA LYS B 62 -0.93 29.62 -1.69
C LYS B 62 -1.62 28.50 -0.92
N ILE B 63 -1.11 28.17 0.26
CA ILE B 63 -1.74 27.21 1.15
C ILE B 63 -1.85 27.84 2.53
N SER B 64 -2.78 27.31 3.32
CA SER B 64 -3.00 27.80 4.67
C SER B 64 -3.16 26.61 5.61
N LYS B 65 -2.64 26.77 6.83
CA LYS B 65 -2.75 25.73 7.84
C LYS B 65 -4.19 25.57 8.28
N ILE B 66 -4.62 24.32 8.47
CA ILE B 66 -5.97 23.99 8.88
C ILE B 66 -5.90 23.01 10.04
N GLY B 67 -7.05 22.78 10.66
CA GLY B 67 -7.13 21.90 11.80
C GLY B 67 -7.75 20.56 11.47
N PRO B 68 -8.00 19.74 12.49
CA PRO B 68 -8.58 18.42 12.26
C PRO B 68 -10.09 18.43 12.04
N GLU B 69 -10.77 19.55 12.28
CA GLU B 69 -12.20 19.63 12.00
C GLU B 69 -12.51 19.53 10.52
N ASN B 70 -11.52 19.70 9.66
CA ASN B 70 -11.67 19.34 8.25
C ASN B 70 -11.52 17.84 8.11
N PRO B 71 -12.55 17.12 7.67
CA PRO B 71 -12.47 15.66 7.62
C PRO B 71 -11.84 15.07 6.37
N TYR B 72 -11.44 15.90 5.42
CA TYR B 72 -10.95 15.43 4.12
C TYR B 72 -9.43 15.42 4.09
N ASN B 73 -8.89 14.60 3.18
CA ASN B 73 -7.45 14.46 3.06
C ASN B 73 -7.10 13.82 1.74
N THR B 74 -5.99 14.26 1.15
CA THR B 74 -5.39 13.62 -0.01
C THR B 74 -3.90 13.39 0.26
N PRO B 75 -3.33 12.30 -0.22
CA PRO B 75 -1.90 12.06 0.00
C PRO B 75 -1.05 13.05 -0.77
N VAL B 76 0.14 13.32 -0.22
CA VAL B 76 1.10 14.23 -0.82
C VAL B 76 2.47 13.57 -0.77
N PHE B 77 3.33 13.94 -1.73
CA PHE B 77 4.72 13.51 -1.74
C PHE B 77 5.51 14.51 -2.58
N ALA B 78 6.77 14.16 -2.87
CA ALA B 78 7.62 15.04 -3.65
C ALA B 78 8.39 14.21 -4.67
N ILE B 79 8.71 14.86 -5.80
CA ILE B 79 9.44 14.20 -6.87
C ILE B 79 10.56 15.12 -7.35
N LYS B 80 11.60 14.51 -7.89
CA LYS B 80 12.70 15.25 -8.53
C LYS B 80 12.60 15.00 -10.02
N LYS B 81 12.16 16.01 -10.76
CA LYS B 81 11.89 15.86 -12.19
C LYS B 81 13.15 15.52 -12.98
N LYS B 82 12.97 15.21 -14.27
CA LYS B 82 14.06 14.74 -15.13
C LYS B 82 15.24 15.70 -15.14
N ASP B 83 16.37 15.25 -14.58
CA ASP B 83 17.60 16.04 -14.50
C ASP B 83 17.35 17.43 -13.92
N SER B 84 16.51 17.52 -12.92
CA SER B 84 16.26 18.77 -12.22
C SER B 84 16.51 18.59 -10.73
N THR B 85 17.40 19.43 -10.19
CA THR B 85 17.81 19.35 -8.80
C THR B 85 16.80 20.00 -7.85
N LYS B 86 15.68 20.50 -8.37
CA LYS B 86 14.67 21.12 -7.54
C LYS B 86 13.53 20.15 -7.28
N TRP B 87 13.15 20.02 -6.00
CA TRP B 87 12.05 19.16 -5.61
C TRP B 87 10.73 19.81 -5.96
N ARG B 88 9.75 18.98 -6.35
CA ARG B 88 8.43 19.44 -6.73
C ARG B 88 7.40 18.70 -5.90
N LYS B 89 6.47 19.46 -5.30
CA LYS B 89 5.42 18.88 -4.48
C LYS B 89 4.31 18.33 -5.38
N LEU B 90 3.87 17.11 -5.09
CA LEU B 90 2.87 16.43 -5.90
C LEU B 90 1.76 15.94 -4.97
N VAL B 91 0.52 16.25 -5.32
CA VAL B 91 -0.65 15.86 -4.54
C VAL B 91 -1.47 14.87 -5.35
N ASP B 92 -1.83 13.75 -4.73
CA ASP B 92 -2.59 12.69 -5.40
C ASP B 92 -4.07 13.04 -5.28
N PHE B 93 -4.58 13.77 -6.27
CA PHE B 93 -5.97 14.23 -6.28
C PHE B 93 -6.91 13.27 -7.00
N ARG B 94 -6.56 11.98 -7.07
CA ARG B 94 -7.34 11.04 -7.86
C ARG B 94 -8.77 10.91 -7.35
N GLU B 95 -8.93 10.79 -6.03
CA GLU B 95 -10.28 10.72 -5.47
C GLU B 95 -11.03 12.02 -5.70
N LEU B 96 -10.36 13.16 -5.50
CA LEU B 96 -10.99 14.44 -5.73
C LEU B 96 -11.37 14.60 -7.21
N ASN B 97 -10.50 14.17 -8.11
CA ASN B 97 -10.80 14.25 -9.53
C ASN B 97 -12.00 13.39 -9.90
N LYS B 98 -12.07 12.18 -9.33
CA LYS B 98 -13.23 11.33 -9.58
C LYS B 98 -14.50 11.89 -8.96
N ARG B 99 -14.39 12.67 -7.90
CA ARG B 99 -15.57 13.21 -7.21
C ARG B 99 -15.97 14.60 -7.68
N THR B 100 -15.19 15.24 -8.55
CA THR B 100 -15.46 16.61 -8.94
C THR B 100 -16.37 16.67 -10.15
N GLN B 101 -17.39 17.52 -10.09
CA GLN B 101 -18.32 17.74 -11.19
C GLN B 101 -17.87 18.99 -11.95
N ASP B 102 -17.16 18.78 -13.06
CA ASP B 102 -16.68 19.88 -13.87
C ASP B 102 -16.68 19.49 -15.35
N HIS B 112 -10.61 17.14 -28.11
CA HIS B 112 -9.20 16.76 -28.16
C HIS B 112 -8.71 16.73 -29.60
N PRO B 113 -7.62 17.42 -29.89
CA PRO B 113 -7.14 17.54 -31.27
C PRO B 113 -6.73 16.19 -31.83
N ALA B 114 -7.47 15.72 -32.83
CA ALA B 114 -7.20 14.43 -33.46
C ALA B 114 -5.94 14.43 -34.31
N GLY B 115 -5.34 15.59 -34.56
CA GLY B 115 -4.15 15.67 -35.37
C GLY B 115 -2.87 15.69 -34.57
N LEU B 116 -2.99 15.79 -33.24
CA LEU B 116 -1.80 15.81 -32.39
C LEU B 116 -1.03 14.51 -32.48
N LYS B 117 -1.74 13.38 -32.58
CA LYS B 117 -1.06 12.09 -32.69
C LYS B 117 -0.30 11.96 -34.00
N LYS B 118 -0.74 12.67 -35.04
CA LYS B 118 -0.09 12.60 -36.35
C LYS B 118 1.05 13.60 -36.50
N LYS B 119 1.31 14.41 -35.47
CA LYS B 119 2.37 15.41 -35.56
C LYS B 119 3.74 14.75 -35.62
N LYS B 120 4.79 15.54 -35.79
CA LYS B 120 6.14 15.00 -35.89
C LYS B 120 6.90 15.06 -34.58
N SER B 121 6.90 16.20 -33.90
CA SER B 121 7.56 16.32 -32.61
C SER B 121 6.62 17.03 -31.64
N VAL B 122 6.44 16.44 -30.46
CA VAL B 122 5.59 16.99 -29.42
C VAL B 122 6.45 17.23 -28.18
N THR B 123 6.44 18.47 -27.71
CA THR B 123 7.13 18.87 -26.49
C THR B 123 6.12 19.10 -25.39
N VAL B 124 6.41 18.58 -24.20
CA VAL B 124 5.53 18.71 -23.05
C VAL B 124 6.11 19.78 -22.13
N LEU B 125 5.33 20.81 -21.86
CA LEU B 125 5.75 21.91 -21.00
C LEU B 125 4.91 21.95 -19.74
N ASP B 126 5.55 22.25 -18.61
CA ASP B 126 4.87 22.33 -17.32
C ASP B 126 4.36 23.75 -17.13
N VAL B 127 3.04 23.91 -17.12
CA VAL B 127 2.42 25.21 -16.94
C VAL B 127 1.60 25.20 -15.66
N GLY B 128 1.99 24.33 -14.72
CA GLY B 128 1.29 24.24 -13.46
C GLY B 128 1.42 25.48 -12.59
N ASP B 129 2.58 26.13 -12.62
CA ASP B 129 2.81 27.29 -11.75
C ASP B 129 1.79 28.38 -11.98
N ALA B 130 1.33 28.55 -13.23
CA ALA B 130 0.31 29.55 -13.51
C ALA B 130 -0.93 29.36 -12.65
N TYR B 131 -1.29 28.11 -12.36
CA TYR B 131 -2.47 27.83 -11.56
C TYR B 131 -2.41 28.47 -10.18
N PHE B 132 -1.21 28.78 -9.70
CA PHE B 132 -1.03 29.41 -8.39
C PHE B 132 -1.37 30.88 -8.39
N SER B 133 -1.80 31.44 -9.53
CA SER B 133 -2.17 32.84 -9.59
C SER B 133 -3.67 33.06 -9.43
N VAL B 134 -4.49 32.08 -9.80
CA VAL B 134 -5.95 32.21 -9.74
C VAL B 134 -6.43 31.58 -8.44
N PRO B 135 -7.14 32.31 -7.58
CA PRO B 135 -7.63 31.72 -6.33
C PRO B 135 -8.64 30.63 -6.58
N LEU B 136 -8.88 29.83 -5.55
CA LEU B 136 -9.82 28.73 -5.60
C LEU B 136 -11.05 29.07 -4.77
N ASP B 137 -12.21 28.58 -5.21
CA ASP B 137 -13.46 28.88 -4.53
C ASP B 137 -13.40 28.44 -3.07
N GLU B 138 -13.88 29.31 -2.18
CA GLU B 138 -13.74 29.07 -0.75
C GLU B 138 -14.40 27.77 -0.33
N ASP B 139 -15.67 27.56 -0.74
CA ASP B 139 -16.41 26.39 -0.32
C ASP B 139 -15.79 25.09 -0.80
N PHE B 140 -14.87 25.15 -1.77
CA PHE B 140 -14.17 23.97 -2.27
C PHE B 140 -12.82 23.75 -1.61
N ARG B 141 -12.26 24.77 -0.96
CA ARG B 141 -10.89 24.66 -0.45
C ARG B 141 -10.74 23.50 0.52
N LYS B 142 -11.75 23.23 1.33
CA LYS B 142 -11.68 22.17 2.32
C LYS B 142 -11.45 20.80 1.69
N TYR B 143 -11.78 20.63 0.41
CA TYR B 143 -11.56 19.35 -0.24
C TYR B 143 -10.12 19.13 -0.66
N THR B 144 -9.29 20.16 -0.62
CA THR B 144 -7.89 20.06 -1.02
C THR B 144 -6.96 19.88 0.16
N ALA B 145 -7.46 19.37 1.28
CA ALA B 145 -6.65 19.23 2.48
C ALA B 145 -5.63 18.11 2.32
N PHE B 146 -4.44 18.32 2.89
CA PHE B 146 -3.41 17.30 2.89
C PHE B 146 -2.59 17.42 4.16
N THR B 147 -1.86 16.36 4.49
CA THR B 147 -1.13 16.25 5.74
C THR B 147 0.32 15.91 5.45
N ILE B 148 1.23 16.73 5.94
CA ILE B 148 2.67 16.44 5.91
C ILE B 148 3.01 15.58 7.12
N PRO B 149 3.62 14.42 6.93
CA PRO B 149 3.98 13.56 8.04
C PRO B 149 5.28 14.04 8.69
N SER B 150 5.70 13.29 9.70
CA SER B 150 6.90 13.62 10.46
C SER B 150 7.77 12.38 10.57
N ILE B 151 9.09 12.59 10.59
CA ILE B 151 10.02 11.48 10.75
C ILE B 151 9.91 10.93 12.16
N ASN B 152 9.72 9.62 12.27
CA ASN B 152 9.55 8.94 13.55
C ASN B 152 8.35 9.45 14.33
N ASN B 153 7.38 10.05 13.63
CA ASN B 153 6.17 10.59 14.27
C ASN B 153 6.52 11.50 15.43
N GLU B 154 7.52 12.35 15.22
CA GLU B 154 7.97 13.26 16.27
C GLU B 154 6.87 14.23 16.67
N THR B 155 6.11 14.72 15.69
CA THR B 155 5.00 15.63 15.89
C THR B 155 3.80 15.10 15.12
N PRO B 156 2.59 15.52 15.49
CA PRO B 156 1.42 15.21 14.67
C PRO B 156 1.58 15.83 13.28
N GLY B 157 0.99 15.18 12.29
CA GLY B 157 1.10 15.66 10.93
C GLY B 157 0.54 17.07 10.78
N ILE B 158 1.17 17.86 9.92
CA ILE B 158 0.79 19.26 9.74
C ILE B 158 -0.18 19.33 8.56
N ARG B 159 -1.37 19.87 8.79
CA ARG B 159 -2.40 19.90 7.78
C ARG B 159 -2.42 21.25 7.07
N TYR B 160 -2.59 21.20 5.76
CA TYR B 160 -2.72 22.39 4.94
C TYR B 160 -3.91 22.23 4.00
N GLN B 161 -4.41 23.35 3.51
CA GLN B 161 -5.40 23.36 2.43
C GLN B 161 -5.02 24.44 1.44
N TYR B 162 -5.42 24.23 0.19
CA TYR B 162 -5.05 25.14 -0.89
C TYR B 162 -5.97 26.35 -0.90
N ASN B 163 -5.38 27.54 -1.00
CA ASN B 163 -6.15 28.75 -1.24
C ASN B 163 -6.25 29.09 -2.71
N VAL B 164 -5.32 28.60 -3.53
CA VAL B 164 -5.31 28.85 -4.97
C VAL B 164 -5.57 27.54 -5.68
N LEU B 165 -5.63 27.58 -7.00
CA LEU B 165 -5.87 26.36 -7.78
C LEU B 165 -4.70 25.41 -7.60
N PRO B 166 -4.93 24.18 -7.13
CA PRO B 166 -3.82 23.27 -6.88
C PRO B 166 -3.40 22.52 -8.14
N GLN B 167 -2.13 22.16 -8.18
CA GLN B 167 -1.60 21.34 -9.25
C GLN B 167 -2.03 19.89 -9.04
N GLY B 168 -2.56 19.27 -10.09
CA GLY B 168 -3.00 17.89 -10.04
C GLY B 168 -4.49 17.70 -9.97
N TRP B 169 -5.26 18.75 -9.70
CA TRP B 169 -6.71 18.65 -9.67
C TRP B 169 -7.26 18.95 -11.06
N LYS B 170 -8.25 18.14 -11.47
CA LYS B 170 -8.78 18.27 -12.82
C LYS B 170 -9.60 19.53 -13.02
N GLY B 171 -10.06 20.16 -11.93
CA GLY B 171 -10.77 21.42 -12.06
C GLY B 171 -9.88 22.62 -12.31
N SER B 172 -8.59 22.52 -11.99
CA SER B 172 -7.69 23.63 -12.23
C SER B 172 -7.56 23.97 -13.71
N PRO B 173 -7.31 23.03 -14.63
CA PRO B 173 -7.36 23.40 -16.05
C PRO B 173 -8.73 23.86 -16.51
N ALA B 174 -9.80 23.25 -16.00
CA ALA B 174 -11.13 23.66 -16.42
C ALA B 174 -11.48 25.07 -15.97
N ILE B 175 -10.83 25.57 -14.93
CA ILE B 175 -11.03 26.94 -14.47
C ILE B 175 -10.07 27.91 -15.15
N PHE B 176 -8.84 27.47 -15.40
CA PHE B 176 -7.83 28.32 -16.04
C PHE B 176 -7.90 28.25 -17.57
N GLN B 177 -8.89 27.56 -18.13
CA GLN B 177 -9.01 27.43 -19.57
C GLN B 177 -9.11 28.79 -20.25
N SER B 178 -9.93 29.69 -19.70
CA SER B 178 -10.12 31.00 -20.33
C SER B 178 -8.81 31.77 -20.38
N SER B 179 -8.07 31.80 -19.27
CA SER B 179 -6.79 32.49 -19.24
C SER B 179 -5.78 31.82 -20.18
N MET B 180 -5.82 30.49 -20.25
CA MET B 180 -4.90 29.79 -21.15
C MET B 180 -5.17 30.14 -22.60
N THR B 181 -6.44 30.16 -23.01
CA THR B 181 -6.78 30.55 -24.37
C THR B 181 -6.39 32.00 -24.63
N LYS B 182 -6.61 32.89 -23.65
CA LYS B 182 -6.22 34.28 -23.83
C LYS B 182 -4.71 34.41 -24.03
N ILE B 183 -3.92 33.67 -23.26
CA ILE B 183 -2.47 33.75 -23.39
C ILE B 183 -2.01 33.14 -24.70
N LEU B 184 -2.62 32.04 -25.12
CA LEU B 184 -2.16 31.32 -26.30
C LEU B 184 -2.69 31.88 -27.61
N GLU B 185 -3.72 32.74 -27.57
CA GLU B 185 -4.25 33.30 -28.81
C GLU B 185 -3.21 34.05 -29.64
N PRO B 186 -2.34 34.88 -29.08
CA PRO B 186 -1.29 35.50 -29.92
C PRO B 186 -0.32 34.51 -30.51
N PHE B 187 -0.22 33.30 -29.96
CA PHE B 187 0.73 32.32 -30.46
C PHE B 187 0.11 31.40 -31.52
N LYS B 188 -1.09 30.88 -31.26
CA LYS B 188 -1.71 29.96 -32.20
C LYS B 188 -2.00 30.63 -33.54
N LYS B 189 -2.50 31.87 -33.50
CA LYS B 189 -2.74 32.60 -34.74
C LYS B 189 -1.45 32.91 -35.49
N GLN B 190 -0.36 33.18 -34.76
CA GLN B 190 0.94 33.40 -35.39
C GLN B 190 1.58 32.10 -35.86
N ASN B 191 1.25 30.97 -35.25
CA ASN B 191 1.80 29.67 -35.61
C ASN B 191 0.64 28.69 -35.82
N PRO B 192 -0.07 28.81 -36.94
CA PRO B 192 -1.22 27.92 -37.18
C PRO B 192 -0.84 26.46 -37.38
N ASP B 193 0.43 26.16 -37.68
CA ASP B 193 0.86 24.78 -37.90
C ASP B 193 1.15 24.03 -36.62
N ILE B 194 1.18 24.71 -35.47
CA ILE B 194 1.51 24.10 -34.19
C ILE B 194 0.22 23.77 -33.47
N VAL B 195 0.05 22.49 -33.09
CA VAL B 195 -1.14 22.03 -32.41
C VAL B 195 -0.84 21.94 -30.93
N ILE B 196 -1.61 22.67 -30.12
CA ILE B 196 -1.39 22.75 -28.68
C ILE B 196 -2.57 22.12 -27.96
N TYR B 197 -2.29 21.17 -27.08
CA TYR B 197 -3.29 20.52 -26.26
C TYR B 197 -2.92 20.69 -24.80
N GLN B 198 -3.92 20.78 -23.93
CA GLN B 198 -3.70 20.96 -22.50
C GLN B 198 -4.33 19.82 -21.73
N TYR B 199 -3.55 19.16 -20.89
CA TYR B 199 -4.05 18.13 -19.99
C TYR B 199 -3.50 18.36 -18.61
N MET B 200 -4.39 18.64 -17.66
CA MET B 200 -4.01 18.87 -16.26
C MET B 200 -3.01 20.02 -16.16
N ASP B 201 -1.73 19.68 -16.00
CA ASP B 201 -0.67 20.67 -15.83
C ASP B 201 0.25 20.76 -17.03
N ASP B 202 0.02 19.96 -18.07
CA ASP B 202 0.97 19.79 -19.15
C ASP B 202 0.40 20.34 -20.45
N LEU B 203 1.21 21.12 -21.15
CA LEU B 203 0.91 21.58 -22.50
C LEU B 203 1.70 20.71 -23.47
N TYR B 204 0.99 19.91 -24.26
CA TYR B 204 1.59 19.13 -25.33
C TYR B 204 1.51 19.98 -26.59
N VAL B 205 2.63 20.55 -27.01
CA VAL B 205 2.67 21.39 -28.20
C VAL B 205 3.45 20.64 -29.27
N GLY B 206 2.83 20.46 -30.43
CA GLY B 206 3.39 19.62 -31.46
C GLY B 206 3.49 20.35 -32.78
N SER B 207 4.52 19.98 -33.55
CA SER B 207 4.80 20.61 -34.81
C SER B 207 5.40 19.59 -35.76
N ASP B 208 5.30 19.89 -37.06
CA ASP B 208 5.87 19.07 -38.13
C ASP B 208 7.18 19.64 -38.66
N LEU B 209 7.81 20.53 -37.90
CA LEU B 209 8.99 21.23 -38.36
C LEU B 209 10.25 20.47 -37.98
N GLU B 210 11.40 21.04 -38.32
CA GLU B 210 12.69 20.48 -37.97
C GLU B 210 12.89 20.56 -36.45
N ILE B 211 13.75 19.67 -35.95
CA ILE B 211 13.96 19.59 -34.49
C ILE B 211 14.57 20.88 -33.96
N GLY B 212 15.50 21.48 -34.72
CA GLY B 212 16.02 22.78 -34.32
C GLY B 212 14.98 23.87 -34.39
N GLN B 213 14.18 23.87 -35.47
CA GLN B 213 13.08 24.82 -35.58
C GLN B 213 12.05 24.56 -34.49
N HIS B 214 11.82 23.29 -34.16
CA HIS B 214 10.89 22.97 -33.07
C HIS B 214 11.40 23.53 -31.74
N ARG B 215 12.70 23.39 -31.46
CA ARG B 215 13.25 23.94 -30.23
C ARG B 215 13.16 25.46 -30.22
N THR B 216 13.40 26.10 -31.37
CA THR B 216 13.25 27.55 -31.45
C THR B 216 11.82 27.97 -31.17
N LYS B 217 10.84 27.25 -31.72
CA LYS B 217 9.44 27.54 -31.45
C LYS B 217 9.10 27.32 -29.98
N ILE B 218 9.71 26.30 -29.37
CA ILE B 218 9.49 26.05 -27.94
C ILE B 218 10.03 27.21 -27.11
N GLU B 219 11.22 27.70 -27.45
CA GLU B 219 11.78 28.84 -26.75
C GLU B 219 10.90 30.08 -26.93
N GLU B 220 10.32 30.22 -28.12
CA GLU B 220 9.45 31.39 -28.38
C GLU B 220 8.24 31.26 -27.48
N LEU B 221 7.65 30.08 -27.46
CA LEU B 221 6.46 29.87 -26.63
C LEU B 221 6.77 30.12 -25.16
N ARG B 222 7.94 29.68 -24.71
CA ARG B 222 8.33 29.95 -23.31
C ARG B 222 8.33 31.47 -23.11
N GLN B 223 9.07 32.19 -23.94
CA GLN B 223 9.17 33.64 -23.76
C GLN B 223 7.79 34.29 -23.80
N HIS B 224 6.91 33.82 -24.69
CA HIS B 224 5.57 34.37 -24.77
C HIS B 224 4.80 34.11 -23.48
N LEU B 225 4.91 32.92 -22.92
CA LEU B 225 4.23 32.62 -21.66
C LEU B 225 4.80 33.46 -20.53
N LEU B 226 6.13 33.63 -20.49
CA LEU B 226 6.74 34.42 -19.43
C LEU B 226 6.29 35.88 -19.50
N ARG B 227 6.22 36.44 -20.72
CA ARG B 227 5.84 37.84 -20.86
C ARG B 227 4.34 38.06 -20.68
N TRP B 228 3.51 37.10 -21.09
CA TRP B 228 2.06 37.26 -21.02
C TRP B 228 1.48 36.90 -19.66
N GLY B 229 2.31 36.42 -18.73
CA GLY B 229 1.84 36.07 -17.40
C GLY B 229 0.82 34.95 -17.40
N GLU B 249 9.99 15.77 -25.29
CA GLU B 249 10.48 15.57 -26.65
C GLU B 249 9.92 14.30 -27.27
N LEU B 250 8.60 14.25 -27.41
CA LEU B 250 7.95 13.09 -27.99
C LEU B 250 8.16 13.06 -29.50
N HIS B 251 7.91 11.88 -30.09
CA HIS B 251 7.90 11.71 -31.53
C HIS B 251 6.81 10.71 -31.89
N PRO B 252 5.55 11.17 -31.91
CA PRO B 252 4.43 10.26 -32.15
C PRO B 252 4.44 9.58 -33.52
N ASP B 253 5.22 10.09 -34.47
CA ASP B 253 5.28 9.45 -35.79
C ASP B 253 5.93 8.07 -35.74
N LYS B 254 6.70 7.78 -34.69
CA LYS B 254 7.37 6.50 -34.54
C LYS B 254 6.64 5.55 -33.61
N TRP B 255 5.38 5.83 -33.31
CA TRP B 255 4.59 4.99 -32.40
C TRP B 255 4.05 3.81 -33.20
N THR B 256 4.85 2.76 -33.30
CA THR B 256 4.44 1.57 -34.03
C THR B 256 3.62 0.66 -33.15
N VAL B 257 2.66 -0.04 -33.76
CA VAL B 257 1.86 -1.01 -33.05
C VAL B 257 2.63 -2.32 -32.94
N GLN B 258 2.24 -3.17 -31.98
CA GLN B 258 2.85 -4.47 -31.81
C GLN B 258 1.89 -5.54 -32.32
N PRO B 259 2.11 -6.12 -33.49
CA PRO B 259 1.21 -7.14 -34.00
C PRO B 259 1.47 -8.49 -33.37
N ILE B 260 0.52 -9.40 -33.56
CA ILE B 260 0.66 -10.77 -33.11
C ILE B 260 1.29 -11.58 -34.23
N VAL B 261 2.49 -12.11 -33.99
CA VAL B 261 3.24 -12.83 -35.00
C VAL B 261 3.30 -14.31 -34.63
N LEU B 262 2.93 -15.16 -35.56
CA LEU B 262 3.08 -16.59 -35.38
C LEU B 262 4.54 -16.99 -35.62
N PRO B 263 5.04 -18.03 -34.97
CA PRO B 263 6.44 -18.39 -35.15
C PRO B 263 6.71 -19.12 -36.46
N GLU B 264 7.92 -18.94 -36.96
CA GLU B 264 8.36 -19.55 -38.21
C GLU B 264 9.42 -20.60 -37.93
N LYS B 265 9.31 -21.75 -38.59
CA LYS B 265 10.20 -22.86 -38.31
C LYS B 265 10.29 -23.75 -39.53
N ASP B 266 11.47 -24.35 -39.73
CA ASP B 266 11.68 -25.31 -40.78
C ASP B 266 11.32 -26.73 -40.36
N SER B 267 10.99 -26.94 -39.09
CA SER B 267 10.58 -28.25 -38.59
C SER B 267 9.76 -28.03 -37.33
N TRP B 268 8.55 -28.58 -37.32
CA TRP B 268 7.61 -28.34 -36.23
C TRP B 268 7.38 -29.63 -35.44
N THR B 269 7.41 -29.51 -34.11
CA THR B 269 7.17 -30.62 -33.21
C THR B 269 5.74 -30.56 -32.69
N VAL B 270 5.34 -31.64 -32.02
CA VAL B 270 3.99 -31.71 -31.45
C VAL B 270 3.80 -30.59 -30.43
N ASN B 271 4.83 -30.31 -29.63
CA ASN B 271 4.76 -29.19 -28.70
C ASN B 271 4.61 -27.86 -29.43
N ASP B 272 5.36 -27.68 -30.52
CA ASP B 272 5.28 -26.44 -31.28
C ASP B 272 3.89 -26.24 -31.87
N ILE B 273 3.33 -27.31 -32.46
CA ILE B 273 1.99 -27.22 -33.03
C ILE B 273 0.96 -26.98 -31.94
N GLN B 274 1.16 -27.58 -30.78
CA GLN B 274 0.22 -27.38 -29.67
C GLN B 274 0.23 -25.94 -29.19
N LYS B 275 1.43 -25.37 -29.03
CA LYS B 275 1.54 -23.97 -28.62
C LYS B 275 0.95 -23.05 -29.68
N LEU B 276 1.20 -23.36 -30.97
CA LEU B 276 0.63 -22.56 -32.04
C LEU B 276 -0.89 -22.62 -32.04
N VAL B 277 -1.45 -23.80 -31.80
CA VAL B 277 -2.91 -23.94 -31.78
C VAL B 277 -3.49 -23.19 -30.59
N GLY B 278 -2.82 -23.23 -29.43
CA GLY B 278 -3.28 -22.44 -28.30
C GLY B 278 -3.24 -20.95 -28.58
N LYS B 279 -2.15 -20.48 -29.21
CA LYS B 279 -2.04 -19.07 -29.55
C LYS B 279 -3.14 -18.66 -30.53
N LEU B 280 -3.41 -19.50 -31.53
CA LEU B 280 -4.46 -19.18 -32.49
C LEU B 280 -5.84 -19.21 -31.83
N ASN B 281 -6.06 -20.14 -30.91
CA ASN B 281 -7.33 -20.17 -30.19
C ASN B 281 -7.53 -18.90 -29.37
N TRP B 282 -6.45 -18.42 -28.73
CA TRP B 282 -6.54 -17.15 -28.02
C TRP B 282 -6.81 -15.99 -28.98
N ALA B 283 -6.14 -15.99 -30.14
CA ALA B 283 -6.33 -14.92 -31.11
C ALA B 283 -7.71 -14.97 -31.76
N SER B 284 -8.40 -16.10 -31.68
CA SER B 284 -9.74 -16.19 -32.23
C SER B 284 -10.70 -15.19 -31.61
N GLN B 285 -10.47 -14.80 -30.36
CA GLN B 285 -11.32 -13.79 -29.74
C GLN B 285 -10.99 -12.39 -30.25
N ILE B 286 -9.78 -12.18 -30.75
CA ILE B 286 -9.35 -10.86 -31.21
C ILE B 286 -9.58 -10.68 -32.70
N TYR B 287 -9.33 -11.73 -33.49
CA TYR B 287 -9.49 -11.69 -34.94
C TYR B 287 -10.49 -12.77 -35.35
N PRO B 288 -11.78 -12.45 -35.33
CA PRO B 288 -12.77 -13.41 -35.83
C PRO B 288 -12.47 -13.78 -37.27
N GLY B 289 -12.64 -15.06 -37.59
CA GLY B 289 -12.29 -15.60 -38.89
C GLY B 289 -10.97 -16.33 -38.90
N ILE B 290 -10.25 -16.35 -37.77
CA ILE B 290 -9.02 -17.11 -37.69
C ILE B 290 -9.38 -18.59 -37.50
N LYS B 291 -8.56 -19.48 -38.05
CA LYS B 291 -8.90 -20.89 -38.08
C LYS B 291 -7.73 -21.75 -37.63
N VAL B 292 -8.07 -22.93 -37.12
CA VAL B 292 -7.09 -23.92 -36.67
C VAL B 292 -7.30 -25.24 -37.41
N ARG B 293 -8.50 -25.81 -37.21
CA ARG B 293 -8.91 -27.10 -37.84
C ARG B 293 -7.78 -28.01 -38.25
N GLN B 294 -7.15 -27.73 -39.38
CA GLN B 294 -6.14 -28.67 -39.87
C GLN B 294 -4.96 -28.79 -38.92
N LEU B 295 -4.55 -27.67 -38.31
CA LEU B 295 -3.52 -27.73 -37.28
C LEU B 295 -3.99 -28.58 -36.10
N CYS B 296 -5.26 -28.48 -35.74
CA CYS B 296 -5.81 -29.33 -34.69
C CYS B 296 -5.86 -30.79 -35.14
N LYS B 297 -6.18 -31.04 -36.41
CA LYS B 297 -6.13 -32.40 -36.94
C LYS B 297 -4.73 -32.99 -36.92
N LEU B 298 -3.71 -32.15 -37.04
CA LEU B 298 -2.34 -32.65 -36.91
C LEU B 298 -2.08 -33.20 -35.52
N LEU B 299 -2.62 -32.55 -34.48
CA LEU B 299 -2.53 -33.05 -33.12
C LEU B 299 -3.64 -34.05 -32.85
N ARG B 300 -3.55 -35.19 -33.53
CA ARG B 300 -4.49 -36.30 -33.36
C ARG B 300 -3.75 -37.48 -32.76
N GLY B 301 -4.34 -38.08 -31.74
CA GLY B 301 -3.70 -39.16 -31.03
C GLY B 301 -2.74 -38.65 -29.96
N THR B 302 -2.19 -39.61 -29.22
CA THR B 302 -1.22 -39.33 -28.17
C THR B 302 0.18 -39.46 -28.75
N LYS B 303 0.95 -38.39 -28.69
CA LYS B 303 2.28 -38.37 -29.29
C LYS B 303 3.24 -37.61 -28.40
N ALA B 304 4.51 -37.96 -28.49
CA ALA B 304 5.55 -37.31 -27.70
C ALA B 304 5.70 -35.86 -28.12
N LEU B 305 5.92 -34.98 -27.13
CA LEU B 305 6.03 -33.55 -27.39
C LEU B 305 7.26 -33.19 -28.23
N THR B 306 8.24 -34.08 -28.32
CA THR B 306 9.44 -33.81 -29.12
C THR B 306 9.41 -34.51 -30.47
N GLU B 307 8.28 -35.13 -30.82
CA GLU B 307 8.17 -35.81 -32.11
C GLU B 307 8.00 -34.79 -33.23
N VAL B 308 8.82 -34.91 -34.27
CA VAL B 308 8.74 -34.02 -35.42
C VAL B 308 7.62 -34.48 -36.32
N ILE B 309 6.62 -33.62 -36.51
CA ILE B 309 5.44 -33.92 -37.32
C ILE B 309 5.44 -33.00 -38.53
N PRO B 310 5.54 -33.53 -39.75
CA PRO B 310 5.56 -32.66 -40.93
C PRO B 310 4.23 -31.96 -41.13
N LEU B 311 4.30 -30.76 -41.70
CA LEU B 311 3.11 -29.97 -41.99
C LEU B 311 2.44 -30.47 -43.26
N THR B 312 1.16 -30.78 -43.18
CA THR B 312 0.42 -31.17 -44.37
C THR B 312 0.15 -29.95 -45.25
N GLU B 313 -0.26 -30.21 -46.49
CA GLU B 313 -0.51 -29.12 -47.43
C GLU B 313 -1.63 -28.21 -46.92
N GLU B 314 -2.72 -28.81 -46.44
CA GLU B 314 -3.82 -28.02 -45.88
C GLU B 314 -3.35 -27.24 -44.66
N ALA B 315 -2.55 -27.87 -43.80
CA ALA B 315 -2.05 -27.17 -42.61
C ALA B 315 -1.16 -26.00 -42.99
N GLU B 316 -0.28 -26.19 -43.97
CA GLU B 316 0.59 -25.09 -44.39
C GLU B 316 -0.20 -23.96 -45.01
N LEU B 317 -1.17 -24.29 -45.86
CA LEU B 317 -2.00 -23.25 -46.47
C LEU B 317 -2.77 -22.47 -45.41
N GLU B 318 -3.34 -23.18 -44.44
CA GLU B 318 -4.10 -22.51 -43.40
C GLU B 318 -3.20 -21.69 -42.49
N LEU B 319 -1.97 -22.16 -42.24
CA LEU B 319 -1.02 -21.36 -41.48
C LEU B 319 -0.66 -20.07 -42.21
N ALA B 320 -0.47 -20.15 -43.52
CA ALA B 320 -0.22 -18.95 -44.30
C ALA B 320 -1.40 -17.98 -44.23
N GLU B 321 -2.62 -18.51 -44.37
CA GLU B 321 -3.81 -17.68 -44.25
C GLU B 321 -3.89 -17.01 -42.88
N ASN B 322 -3.57 -17.79 -41.83
CA ASN B 322 -3.63 -17.25 -40.48
C ASN B 322 -2.62 -16.14 -40.29
N ARG B 323 -1.41 -16.32 -40.83
CA ARG B 323 -0.38 -15.29 -40.74
C ARG B 323 -0.82 -14.03 -41.48
N GLU B 324 -1.43 -14.19 -42.66
CA GLU B 324 -1.90 -13.04 -43.40
C GLU B 324 -2.99 -12.30 -42.62
N ILE B 325 -3.89 -13.04 -41.96
CA ILE B 325 -4.93 -12.39 -41.17
C ILE B 325 -4.34 -11.66 -39.98
N LEU B 326 -3.36 -12.26 -39.31
CA LEU B 326 -2.72 -11.59 -38.17
C LEU B 326 -1.96 -10.35 -38.61
N LYS B 327 -1.39 -10.35 -39.82
CA LYS B 327 -0.65 -9.19 -40.29
C LYS B 327 -1.55 -7.96 -40.41
N GLU B 328 -2.75 -8.14 -40.95
CA GLU B 328 -3.67 -7.03 -41.10
C GLU B 328 -4.18 -6.59 -39.73
N PRO B 329 -4.44 -5.30 -39.53
CA PRO B 329 -4.94 -4.84 -38.23
C PRO B 329 -6.38 -5.27 -37.99
N VAL B 330 -6.74 -5.34 -36.71
CA VAL B 330 -8.11 -5.68 -36.34
C VAL B 330 -9.05 -4.56 -36.77
N HIS B 331 -10.15 -4.93 -37.43
CA HIS B 331 -11.11 -3.98 -37.96
C HIS B 331 -12.38 -4.02 -37.13
N GLY B 332 -12.84 -2.85 -36.71
CA GLY B 332 -14.09 -2.74 -35.97
C GLY B 332 -13.94 -2.17 -34.58
N VAL B 333 -12.83 -1.49 -34.33
CA VAL B 333 -12.56 -0.88 -33.02
C VAL B 333 -12.58 0.63 -33.19
N TYR B 334 -13.41 1.30 -32.40
CA TYR B 334 -13.54 2.75 -32.44
C TYR B 334 -13.51 3.29 -31.01
N TYR B 335 -12.77 4.38 -30.82
CA TYR B 335 -12.60 4.94 -29.49
C TYR B 335 -13.87 5.66 -29.05
N ASP B 336 -14.53 5.12 -28.02
CA ASP B 336 -15.72 5.74 -27.47
C ASP B 336 -15.32 6.68 -26.34
N PRO B 337 -15.53 7.99 -26.47
CA PRO B 337 -15.10 8.92 -25.42
C PRO B 337 -15.85 8.75 -24.10
N SER B 338 -17.01 8.09 -24.11
CA SER B 338 -17.78 7.90 -22.88
C SER B 338 -17.14 6.84 -21.97
N LYS B 339 -16.71 5.72 -22.54
CA LYS B 339 -16.13 4.66 -21.74
C LYS B 339 -14.69 5.00 -21.35
N ASP B 340 -14.19 4.30 -20.34
CA ASP B 340 -12.86 4.52 -19.83
C ASP B 340 -11.84 3.62 -20.54
N LEU B 341 -10.58 4.03 -20.46
CA LEU B 341 -9.49 3.28 -21.08
C LEU B 341 -8.86 2.35 -20.06
N ILE B 342 -8.51 1.14 -20.52
CA ILE B 342 -7.88 0.13 -19.69
C ILE B 342 -6.57 -0.28 -20.35
N ALA B 343 -5.48 -0.19 -19.60
CA ALA B 343 -4.15 -0.53 -20.09
C ALA B 343 -3.61 -1.70 -19.29
N GLU B 344 -3.43 -2.84 -19.97
CA GLU B 344 -2.85 -4.02 -19.36
C GLU B 344 -1.38 -4.11 -19.73
N ILE B 345 -0.54 -4.43 -18.75
CA ILE B 345 0.90 -4.54 -18.94
C ILE B 345 1.33 -5.95 -18.56
N GLN B 346 2.23 -6.52 -19.37
CA GLN B 346 2.77 -7.85 -19.15
C GLN B 346 4.29 -7.76 -19.16
N LYS B 347 4.92 -8.46 -18.22
CA LYS B 347 6.38 -8.56 -18.18
C LYS B 347 6.83 -9.74 -19.02
N GLN B 348 7.74 -9.50 -19.96
CA GLN B 348 8.22 -10.55 -20.84
C GLN B 348 9.65 -10.97 -20.55
N GLY B 349 10.34 -10.30 -19.64
CA GLY B 349 11.70 -10.65 -19.29
C GLY B 349 12.72 -9.89 -20.13
N GLN B 350 13.97 -9.91 -19.66
CA GLN B 350 15.08 -9.22 -20.32
C GLN B 350 14.81 -7.73 -20.47
N GLY B 351 14.13 -7.14 -19.49
CA GLY B 351 13.79 -5.74 -19.57
C GLY B 351 12.74 -5.40 -20.61
N GLN B 352 11.91 -6.35 -20.99
CA GLN B 352 10.89 -6.15 -22.01
C GLN B 352 9.52 -6.18 -21.38
N TRP B 353 8.67 -5.23 -21.77
CA TRP B 353 7.29 -5.19 -21.34
C TRP B 353 6.39 -5.00 -22.55
N THR B 354 5.20 -5.55 -22.48
CA THR B 354 4.19 -5.36 -23.51
C THR B 354 2.96 -4.75 -22.86
N TYR B 355 2.16 -4.07 -23.66
CA TYR B 355 0.96 -3.45 -23.12
C TYR B 355 -0.11 -3.37 -24.18
N GLN B 356 -1.36 -3.34 -23.72
CA GLN B 356 -2.52 -3.18 -24.58
C GLN B 356 -3.46 -2.17 -23.96
N ILE B 357 -3.77 -1.11 -24.71
CA ILE B 357 -4.78 -0.13 -24.35
C ILE B 357 -6.04 -0.48 -25.11
N TYR B 358 -7.13 -0.71 -24.37
CA TYR B 358 -8.40 -1.10 -24.95
C TYR B 358 -9.52 -0.55 -24.10
N GLN B 359 -10.70 -0.43 -24.70
CA GLN B 359 -11.90 -0.02 -23.97
C GLN B 359 -12.86 -1.16 -23.70
N GLU B 360 -12.88 -2.17 -24.55
CA GLU B 360 -13.62 -3.41 -24.32
C GLU B 360 -12.68 -4.59 -24.50
N PRO B 361 -12.87 -5.66 -23.73
CA PRO B 361 -11.94 -6.80 -23.81
C PRO B 361 -11.91 -7.41 -25.20
N PHE B 362 -10.71 -7.80 -25.61
CA PHE B 362 -10.39 -8.45 -26.88
C PHE B 362 -10.54 -7.50 -28.07
N LYS B 363 -10.81 -6.22 -27.84
CA LYS B 363 -10.90 -5.22 -28.92
C LYS B 363 -9.89 -4.12 -28.57
N ASN B 364 -8.65 -4.31 -28.98
CA ASN B 364 -7.58 -3.40 -28.59
C ASN B 364 -7.57 -2.16 -29.47
N LEU B 365 -7.37 -1.01 -28.83
CA LEU B 365 -7.15 0.24 -29.54
C LEU B 365 -5.67 0.52 -29.78
N LYS B 366 -4.79 -0.05 -28.97
CA LYS B 366 -3.35 0.11 -29.19
C LYS B 366 -2.62 -1.04 -28.53
N THR B 367 -1.63 -1.59 -29.22
CA THR B 367 -0.76 -2.62 -28.65
C THR B 367 0.69 -2.17 -28.83
N GLY B 368 1.46 -2.23 -27.75
CA GLY B 368 2.84 -1.77 -27.82
C GLY B 368 3.78 -2.59 -26.99
N LYS B 369 5.08 -2.30 -27.09
CA LYS B 369 6.09 -3.04 -26.35
C LYS B 369 7.11 -2.03 -25.82
N TYR B 370 7.05 -1.74 -24.53
CA TYR B 370 8.08 -0.95 -23.87
C TYR B 370 9.30 -1.83 -23.59
N ALA B 371 10.48 -1.27 -23.83
CA ALA B 371 11.70 -2.07 -23.75
C ALA B 371 12.85 -1.17 -23.32
N ARG B 372 13.44 -1.46 -22.16
CA ARG B 372 14.70 -0.85 -21.75
C ARG B 372 15.91 -1.61 -22.27
N MET B 373 15.70 -2.79 -22.85
CA MET B 373 16.76 -3.61 -23.42
C MET B 373 17.84 -3.90 -22.38
N ARG B 374 17.39 -4.24 -21.17
CA ARG B 374 18.27 -4.47 -20.04
C ARG B 374 19.17 -3.27 -19.80
N GLY B 375 20.40 -3.33 -20.31
CA GLY B 375 21.36 -2.27 -20.05
C GLY B 375 21.63 -2.15 -18.56
N ALA B 376 21.98 -3.26 -17.93
CA ALA B 376 21.99 -3.40 -16.47
C ALA B 376 20.58 -3.10 -16.00
N HIS B 377 20.34 -2.07 -15.19
CA HIS B 377 18.99 -1.68 -14.77
C HIS B 377 18.22 -2.86 -14.21
N THR B 378 18.69 -3.41 -13.09
CA THR B 378 18.03 -4.55 -12.46
C THR B 378 16.71 -4.20 -11.79
N ASN B 379 16.36 -2.92 -11.74
CA ASN B 379 15.16 -2.48 -11.02
C ASN B 379 13.93 -2.75 -11.88
N ASP B 380 13.11 -3.72 -11.47
CA ASP B 380 11.85 -3.98 -12.14
C ASP B 380 10.79 -2.93 -11.85
N VAL B 381 10.75 -2.42 -10.63
CA VAL B 381 9.76 -1.40 -10.30
C VAL B 381 10.04 -0.10 -11.04
N LYS B 382 11.31 0.27 -11.20
CA LYS B 382 11.64 1.45 -11.98
C LYS B 382 11.23 1.27 -13.44
N GLN B 383 11.47 0.09 -14.01
CA GLN B 383 11.05 -0.19 -15.37
C GLN B 383 9.53 -0.10 -15.52
N LEU B 384 8.80 -0.68 -14.56
CA LEU B 384 7.34 -0.63 -14.64
C LEU B 384 6.82 0.78 -14.47
N THR B 385 7.44 1.57 -13.60
CA THR B 385 7.04 2.97 -13.44
C THR B 385 7.28 3.77 -14.71
N GLU B 386 8.44 3.57 -15.34
CA GLU B 386 8.73 4.27 -16.59
C GLU B 386 7.77 3.83 -17.69
N ALA B 387 7.43 2.53 -17.74
CA ALA B 387 6.46 2.05 -18.71
C ALA B 387 5.10 2.68 -18.48
N VAL B 388 4.67 2.77 -17.22
CA VAL B 388 3.40 3.38 -16.90
C VAL B 388 3.37 4.85 -17.34
N GLN B 389 4.45 5.56 -17.07
CA GLN B 389 4.51 6.97 -17.46
C GLN B 389 4.47 7.13 -18.98
N LYS B 390 5.22 6.30 -19.71
CA LYS B 390 5.22 6.40 -21.16
C LYS B 390 3.86 6.04 -21.75
N ILE B 391 3.22 5.00 -21.23
CA ILE B 391 1.90 4.60 -21.73
C ILE B 391 0.89 5.68 -21.43
N THR B 392 0.97 6.30 -20.26
CA THR B 392 0.05 7.38 -19.92
C THR B 392 0.25 8.58 -20.83
N THR B 393 1.50 8.93 -21.13
CA THR B 393 1.76 10.04 -22.05
C THR B 393 1.21 9.73 -23.44
N GLU B 394 1.42 8.50 -23.92
CA GLU B 394 0.87 8.11 -25.21
C GLU B 394 -0.65 8.18 -25.22
N SER B 395 -1.29 7.72 -24.14
CA SER B 395 -2.74 7.73 -24.08
C SER B 395 -3.28 9.15 -24.03
N ILE B 396 -2.59 10.05 -23.31
CA ILE B 396 -3.02 11.44 -23.28
C ILE B 396 -2.88 12.08 -24.65
N VAL B 397 -1.80 11.78 -25.37
CA VAL B 397 -1.61 12.35 -26.70
C VAL B 397 -2.66 11.82 -27.67
N ILE B 398 -2.96 10.52 -27.61
CA ILE B 398 -3.81 9.91 -28.63
C ILE B 398 -5.29 10.16 -28.34
N TRP B 399 -5.73 9.99 -27.10
CA TRP B 399 -7.14 10.09 -26.76
C TRP B 399 -7.46 11.21 -25.78
N GLY B 400 -6.47 11.80 -25.13
CA GLY B 400 -6.73 12.84 -24.15
C GLY B 400 -7.16 12.35 -22.79
N LYS B 401 -7.10 11.04 -22.54
CA LYS B 401 -7.53 10.46 -21.29
C LYS B 401 -6.46 9.52 -20.77
N THR B 402 -6.14 9.64 -19.49
CA THR B 402 -5.26 8.66 -18.86
C THR B 402 -5.99 7.33 -18.71
N PRO B 403 -5.32 6.21 -18.93
CA PRO B 403 -5.98 4.91 -18.81
C PRO B 403 -5.91 4.35 -17.40
N LYS B 404 -6.84 3.44 -17.12
CA LYS B 404 -6.82 2.67 -15.88
C LYS B 404 -5.85 1.51 -16.04
N PHE B 405 -4.81 1.48 -15.22
CA PHE B 405 -3.74 0.52 -15.39
C PHE B 405 -4.02 -0.76 -14.60
N LYS B 406 -3.68 -1.89 -15.19
CA LYS B 406 -3.72 -3.19 -14.54
C LYS B 406 -2.28 -3.64 -14.35
N LEU B 407 -1.68 -3.24 -13.24
CA LEU B 407 -0.24 -3.39 -13.04
C LEU B 407 0.10 -4.83 -12.69
N PRO B 408 1.11 -5.44 -13.34
CA PRO B 408 1.54 -6.80 -12.98
C PRO B 408 2.53 -6.79 -11.83
N ILE B 409 2.08 -6.33 -10.66
CA ILE B 409 2.93 -6.16 -9.50
C ILE B 409 2.09 -6.36 -8.25
N GLN B 410 2.76 -6.75 -7.16
CA GLN B 410 2.10 -6.78 -5.87
C GLN B 410 1.81 -5.35 -5.41
N LYS B 411 0.67 -5.15 -4.75
CA LYS B 411 0.27 -3.81 -4.37
C LYS B 411 1.30 -3.18 -3.42
N GLU B 412 1.77 -3.95 -2.43
CA GLU B 412 2.66 -3.39 -1.42
C GLU B 412 3.96 -2.89 -2.04
N THR B 413 4.53 -3.66 -2.97
CA THR B 413 5.76 -3.23 -3.62
C THR B 413 5.54 -1.91 -4.37
N TRP B 414 4.42 -1.80 -5.06
CA TRP B 414 4.13 -0.59 -5.82
C TRP B 414 4.00 0.61 -4.89
N GLU B 415 3.15 0.50 -3.86
CA GLU B 415 2.99 1.64 -2.94
C GLU B 415 4.28 1.95 -2.20
N THR B 416 5.16 0.97 -2.04
CA THR B 416 6.43 1.24 -1.38
C THR B 416 7.36 2.04 -2.28
N TRP B 417 7.47 1.67 -3.56
CA TRP B 417 8.58 2.15 -4.36
C TRP B 417 8.21 3.05 -5.55
N TRP B 418 6.94 3.22 -5.88
CA TRP B 418 6.61 3.92 -7.12
C TRP B 418 6.95 5.40 -7.06
N THR B 419 6.82 6.02 -5.88
CA THR B 419 7.11 7.44 -5.76
C THR B 419 8.58 7.77 -5.96
N GLU B 420 9.47 6.80 -5.80
CA GLU B 420 10.90 7.07 -5.93
C GLU B 420 11.35 7.26 -7.37
N TYR B 421 10.55 6.80 -8.34
CA TYR B 421 10.89 6.91 -9.74
C TYR B 421 9.91 7.72 -10.55
N TRP B 422 8.81 8.18 -9.95
CA TRP B 422 7.81 8.96 -10.67
C TRP B 422 8.38 10.30 -11.09
N GLN B 423 8.11 10.70 -12.33
CA GLN B 423 8.58 11.96 -12.87
C GLN B 423 7.47 12.86 -13.36
N ALA B 424 6.24 12.37 -13.45
CA ALA B 424 5.14 13.13 -14.03
C ALA B 424 4.34 13.83 -12.95
N THR B 425 3.54 14.81 -13.38
CA THR B 425 2.68 15.56 -12.48
C THR B 425 1.27 15.01 -12.41
N TRP B 426 0.97 13.95 -13.15
CA TRP B 426 -0.33 13.30 -13.12
C TRP B 426 -0.17 11.87 -12.62
N ILE B 427 -1.23 11.34 -12.04
CA ILE B 427 -1.21 9.97 -11.54
C ILE B 427 -2.41 9.21 -12.12
N PRO B 428 -2.19 8.26 -13.01
CA PRO B 428 -3.31 7.45 -13.50
C PRO B 428 -3.84 6.54 -12.41
N GLU B 429 -5.13 6.23 -12.51
CA GLU B 429 -5.72 5.25 -11.61
C GLU B 429 -5.25 3.86 -12.01
N TRP B 430 -4.93 3.03 -11.02
CA TRP B 430 -4.40 1.72 -11.29
C TRP B 430 -4.97 0.69 -10.32
N GLU B 431 -5.12 -0.53 -10.82
CA GLU B 431 -5.43 -1.70 -10.01
C GLU B 431 -4.38 -2.76 -10.29
N PHE B 432 -4.32 -3.76 -9.42
CA PHE B 432 -3.26 -4.76 -9.47
C PHE B 432 -3.85 -6.12 -9.81
N VAL B 433 -3.24 -6.80 -10.79
CA VAL B 433 -3.70 -8.09 -11.25
C VAL B 433 -2.83 -9.17 -10.63
N ASN B 434 -3.48 -10.15 -10.00
CA ASN B 434 -2.81 -11.21 -9.25
C ASN B 434 -2.94 -12.56 -9.95
N THR B 435 -3.18 -12.54 -11.25
CA THR B 435 -3.35 -13.75 -12.04
C THR B 435 -2.26 -13.82 -13.10
N PRO B 436 -1.45 -14.87 -13.13
CA PRO B 436 -0.40 -14.97 -14.15
C PRO B 436 -1.01 -15.15 -15.53
N PRO B 437 -0.50 -14.43 -16.53
CA PRO B 437 -0.91 -14.70 -17.91
C PRO B 437 -0.60 -16.12 -18.32
N LEU B 438 -1.51 -16.76 -19.03
CA LEU B 438 -1.39 -18.17 -19.38
C LEU B 438 -0.14 -18.43 -20.20
N VAL B 439 -0.09 -17.89 -21.41
CA VAL B 439 1.07 -18.01 -22.29
C VAL B 439 1.35 -16.65 -22.90
N LYS B 440 2.63 -16.28 -22.98
CA LYS B 440 2.98 -14.97 -23.49
C LYS B 440 2.60 -14.89 -24.97
N LEU B 441 1.49 -14.20 -25.25
CA LEU B 441 0.92 -14.16 -26.58
C LEU B 441 1.10 -12.84 -27.29
N TRP B 442 1.76 -11.87 -26.66
CA TRP B 442 2.09 -10.59 -27.27
C TRP B 442 3.59 -10.46 -27.47
N TYR B 443 4.30 -11.58 -27.45
CA TYR B 443 5.75 -11.56 -27.61
C TYR B 443 6.16 -12.20 -28.93
N1 OMC C 7 -7.96 7.34 19.99
C2 OMC C 7 -6.85 7.08 20.81
N3 OMC C 7 -6.88 5.99 21.61
C4 OMC C 7 -7.91 5.17 21.61
C5 OMC C 7 -9.05 5.39 20.79
C6 OMC C 7 -9.01 6.48 20.00
O2 OMC C 7 -5.91 7.85 20.80
N4 OMC C 7 -7.87 4.12 22.42
C1' OMC C 7 -8.00 8.52 19.10
C2' OMC C 7 -7.20 8.27 17.81
O2' OMC C 7 -6.61 9.50 17.42
CM2 OMC C 7 -5.47 9.84 18.16
C3' OMC C 7 -8.31 7.88 16.85
C4' OMC C 7 -9.43 8.79 17.28
O4' OMC C 7 -9.35 8.77 18.72
O3' OMC C 7 -7.98 8.01 15.48
C5' OMC C 7 -10.81 8.38 16.82
O5' OMC C 7 -11.72 8.33 17.90
P OMC C 7 -12.66 7.08 18.12
OP1 OMC C 7 -13.57 6.95 16.91
OP2 OMC C 7 -11.81 5.89 18.54
N1 OMC C 9 -0.93 1.77 16.14
C2 OMC C 9 -0.87 0.73 17.09
N3 OMC C 9 -2.02 0.36 17.68
C4 OMC C 9 -3.16 0.92 17.40
C5 OMC C 9 -3.27 1.98 16.45
C6 OMC C 9 -2.12 2.35 15.85
O2 OMC C 9 0.19 0.20 17.35
N4 OMC C 9 -4.25 0.49 18.02
C1' OMC C 9 0.28 2.27 15.43
C2' OMC C 9 0.81 1.26 14.40
O2' OMC C 9 2.22 1.38 14.35
CM2 OMC C 9 2.88 1.00 15.52
C3' OMC C 9 0.18 1.80 13.13
C4' OMC C 9 0.26 3.30 13.35
O4' OMC C 9 -0.05 3.45 14.75
O3' OMC C 9 0.83 1.39 11.95
C5' OMC C 9 -0.70 4.13 12.53
O5' OMC C 9 -2.03 3.67 12.65
P OMC C 9 -3.26 4.66 12.46
OP1 OMC C 9 -3.21 5.21 11.03
OP2 OMC C 9 -4.51 3.95 12.93
N1 DOC C 38 -2.62 7.75 25.88
C2 DOC C 38 -3.95 7.72 25.47
N3 DOC C 38 -4.73 6.68 25.81
C4 DOC C 38 -4.24 5.69 26.56
C5 DOC C 38 -2.88 5.71 27.00
C6 DOC C 38 -2.12 6.74 26.64
O2 DOC C 38 -4.37 8.66 24.78
N4 DOC C 38 -5.04 4.69 26.86
C1' DOC C 38 -1.80 8.92 25.52
C2' DOC C 38 -1.88 10.07 26.52
C3' DOC C 38 -0.59 9.97 27.28
C4' DOC C 38 0.37 9.44 26.24
O4' DOC C 38 -0.44 8.52 25.49
C5' DOC C 38 1.58 8.72 26.77
O5' DOC C 38 1.15 7.64 27.63
P DOC C 38 2.12 6.39 27.86
OP1 DOC C 38 3.34 6.83 28.60
OP2 DOC C 38 1.33 5.29 28.50
PG DTP D . -2.76 13.89 34.58
O1G DTP D . -2.95 15.05 35.45
O2G DTP D . -1.55 13.98 33.82
O3G DTP D . -2.84 12.62 35.31
PB DTP D . -4.43 13.84 32.08
O1B DTP D . -5.89 13.92 32.06
O2B DTP D . -3.66 14.85 31.37
O3B DTP D . -4.00 13.86 33.61
PA DTP D . -2.92 11.59 30.77
O1A DTP D . -2.97 10.16 31.13
O2A DTP D . -1.59 12.20 30.97
O3A DTP D . -4.02 12.36 31.64
O5' DTP D . -3.37 11.74 29.25
C5' DTP D . -3.48 12.93 28.48
C4' DTP D . -4.84 12.97 27.83
O4' DTP D . -5.02 11.78 27.03
C3' DTP D . -6.02 12.97 28.78
O3' DTP D . -6.31 14.30 29.19
C2' DTP D . -7.13 12.40 27.91
C1' DTP D . -6.39 11.40 27.05
N9 DTP D . -6.49 10.06 27.60
C8 DTP D . -5.53 9.36 28.25
N7 DTP D . -5.95 8.19 28.66
C5 DTP D . -7.28 8.13 28.25
C6 DTP D . -8.28 7.17 28.38
N6 DTP D . -8.10 6.01 28.98
N1 DTP D . -9.50 7.45 27.86
C2 DTP D . -9.67 8.62 27.25
N3 DTP D . -8.81 9.60 27.06
C4 DTP D . -7.61 9.30 27.59
MG MG E . -0.96 14.59 31.53
MG MG F . 1.05 11.95 29.31
#